data_8SFZ
#
_entry.id   8SFZ
#
_cell.length_a   69.649
_cell.length_b   101.731
_cell.length_c   184.482
_cell.angle_alpha   90.00
_cell.angle_beta   90.00
_cell.angle_gamma   90.00
#
_symmetry.space_group_name_H-M   'P 2 21 21'
#
loop_
_entity.id
_entity.type
_entity.pdbx_description
1 polymer LaG35
2 polymer 'Green fluorescent protein'
3 polymer 'Green fluorescent protein'
4 non-polymer 'SODIUM ION'
5 non-polymer 'POTASSIUM ION'
6 water water
#
loop_
_entity_poly.entity_id
_entity_poly.type
_entity_poly.pdbx_seq_one_letter_code
_entity_poly.pdbx_strand_id
1 'polypeptide(L)'
;GSMADVQLVESGGGLVQAGGSLRLSCTVSGRTFSNYAMGWFRQAPGKEREFVAGISWTGGHTLYTDSVKGRFTISRDNAK
NTVYLQMNSLKPEDTALYYCAADRAADFFAQRDEYDYWGQGTQVTVSGLEVLFQGPSLEHHHHHH
;
C,A,B
2 'polypeptide(L)'
;MASKGEELFTGVVPILVELDGDVNGHKFSVSGEGEGDATYGKLTLKFICTTGKLPVPWPTLVTTF(CR2)VQCFARYPDH
MKQHDFFKSAMPEGYVQERTIFFKDDGNYKTRAEVKFEGDTLVNRIELKGIDFKEDGNILGHKLEYNYNSHNVYIMADKQ
KNGIKVNFKIRHNIEDGSVHLADHYQQNTPIGDGPVLLPDNHYLSTQSALSKDPNEKRDHMVLLEFVTAAGITHGMDELY
KGLEVLFQGPSHHHHHH
;
D,F
3 'polypeptide(L)'
;MASKGEELFTGVVPILVELDGDVNGHKFSVSGEGEGDATYGKLTLKFICTTGKLPVPWPTLVTTF(CRO)VQCFARYPDH
MKQHDFFKSAMPEGYVQERTIFFKDDGNYKTRAEVKFEGDTLVNRIELKGIDFKEDGNILGHKLEYNYNSHNVYIMADKQ
KNGIKVNFKIRHNIEDGSVHLADHYQQNTPIGDGPVLLPDNHYLSTQSALSKDPNEKRDHMVLLEFVTAAGITHGMDELY
KGLEVLFQGPSHHHHHH
;
E
#
# COMPACT_ATOMS: atom_id res chain seq x y z
N ASP A 5 8.39 13.46 -3.19
CA ASP A 5 7.15 12.78 -3.53
C ASP A 5 7.47 11.81 -4.70
N VAL A 6 7.74 12.37 -5.86
CA VAL A 6 8.10 11.58 -7.04
C VAL A 6 9.53 11.91 -7.43
N GLN A 7 10.20 10.89 -7.97
CA GLN A 7 11.61 10.97 -8.41
C GLN A 7 11.64 10.64 -9.89
N LEU A 8 12.40 11.43 -10.64
CA LEU A 8 12.58 11.30 -12.08
C LEU A 8 14.02 10.95 -12.44
N VAL A 9 14.19 9.93 -13.27
CA VAL A 9 15.53 9.48 -13.71
C VAL A 9 15.54 9.37 -15.22
N GLU A 10 16.35 10.23 -15.87
CA GLU A 10 16.44 10.25 -17.32
C GLU A 10 17.48 9.22 -17.78
N SER A 11 17.34 8.79 -19.03
CA SER A 11 18.37 7.93 -19.63
C SER A 11 18.30 8.08 -21.15
N GLY A 12 19.17 7.33 -21.83
CA GLY A 12 19.17 7.29 -23.28
C GLY A 12 20.03 8.36 -23.94
N GLY A 13 20.70 9.21 -23.16
CA GLY A 13 21.52 10.26 -23.73
C GLY A 13 22.83 9.71 -24.26
N GLY A 14 23.55 10.58 -24.96
CA GLY A 14 24.83 10.20 -25.54
C GLY A 14 25.22 11.12 -26.68
N LEU A 15 26.23 10.65 -27.42
CA LEU A 15 26.79 11.34 -28.57
C LEU A 15 26.24 10.70 -29.84
N VAL A 16 25.84 11.54 -30.79
CA VAL A 16 25.42 11.07 -32.11
C VAL A 16 25.76 12.15 -33.13
N GLN A 17 25.89 11.74 -34.38
CA GLN A 17 26.21 12.66 -35.47
C GLN A 17 24.95 13.37 -35.95
N ALA A 18 25.13 14.61 -36.40
CA ALA A 18 24.04 15.41 -36.92
C ALA A 18 23.30 14.60 -37.97
N GLY A 19 21.96 14.64 -37.91
CA GLY A 19 21.11 13.78 -38.69
C GLY A 19 20.81 12.43 -38.07
N GLY A 20 21.50 12.06 -36.99
CA GLY A 20 21.20 10.83 -36.29
C GLY A 20 19.96 10.96 -35.42
N SER A 21 19.71 9.91 -34.65
CA SER A 21 18.53 9.89 -33.81
C SER A 21 18.87 9.31 -32.44
N LEU A 22 18.08 9.71 -31.43
CA LEU A 22 18.23 9.21 -30.08
C LEU A 22 16.85 9.10 -29.45
N ARG A 23 16.67 8.13 -28.55
CA ARG A 23 15.46 7.98 -27.75
C ARG A 23 15.76 8.15 -26.27
N LEU A 24 15.33 9.28 -25.70
CA LEU A 24 15.43 9.48 -24.28
C LEU A 24 14.26 8.86 -23.55
N SER A 25 14.52 8.48 -22.30
CA SER A 25 13.54 7.95 -21.40
C SER A 25 13.59 8.72 -20.09
N CYS A 26 12.44 8.79 -19.44
CA CYS A 26 12.39 9.29 -18.08
C CYS A 26 11.51 8.35 -17.26
N THR A 27 12.07 7.78 -16.22
CA THR A 27 11.37 6.80 -15.39
C THR A 27 10.92 7.50 -14.13
N VAL A 28 9.64 7.34 -13.79
CA VAL A 28 9.03 8.02 -12.64
C VAL A 28 8.81 7.00 -11.54
N SER A 29 9.26 7.33 -10.33
CA SER A 29 9.12 6.48 -9.15
C SER A 29 8.33 7.26 -8.11
N GLY A 30 7.60 6.53 -7.28
CA GLY A 30 6.87 7.12 -6.17
C GLY A 30 5.37 7.08 -6.38
N ARG A 31 4.76 8.26 -6.45
CA ARG A 31 3.31 8.35 -6.62
C ARG A 31 2.92 7.93 -8.04
N THR A 32 1.60 7.76 -8.22
CA THR A 32 1.03 7.13 -9.40
C THR A 32 1.36 7.95 -10.62
N PHE A 33 2.05 7.32 -11.56
CA PHE A 33 2.55 8.01 -12.75
C PHE A 33 1.43 8.70 -13.54
N SER A 34 0.29 8.06 -13.68
CA SER A 34 -0.78 8.67 -14.48
C SER A 34 -1.36 9.94 -13.85
N ASN A 35 -0.97 10.27 -12.61
CA ASN A 35 -1.37 11.53 -12.01
C ASN A 35 -0.60 12.71 -12.56
N TYR A 36 0.45 12.51 -13.37
CA TYR A 36 1.40 13.60 -13.69
C TYR A 36 1.41 13.93 -15.17
N ALA A 37 1.34 15.22 -15.47
CA ALA A 37 1.70 15.75 -16.76
C ALA A 37 3.22 15.76 -16.80
N MET A 38 3.80 15.40 -17.95
CA MET A 38 5.23 15.15 -18.12
C MET A 38 5.76 16.08 -19.19
N GLY A 39 7.03 16.51 -18.99
CA GLY A 39 7.66 17.40 -19.94
C GLY A 39 9.15 17.13 -20.03
N TRP A 40 9.72 17.60 -21.14
CA TRP A 40 11.17 17.58 -21.40
C TRP A 40 11.59 19.01 -21.61
N PHE A 41 12.72 19.39 -20.98
CA PHE A 41 13.34 20.69 -21.10
C PHE A 41 14.80 20.47 -21.48
N ARG A 42 15.45 21.49 -21.96
CA ARG A 42 16.86 21.33 -22.31
C ARG A 42 17.61 22.59 -21.96
N GLN A 43 18.91 22.43 -21.69
CA GLN A 43 19.73 23.56 -21.24
C GLN A 43 21.14 23.48 -21.82
N ALA A 44 21.55 24.52 -22.42
CA ALA A 44 22.93 24.73 -22.83
C ALA A 44 23.72 25.43 -21.73
N PRO A 45 25.03 25.19 -21.61
CA PRO A 45 25.79 25.73 -20.47
C PRO A 45 25.57 27.21 -20.22
N GLY A 46 25.20 27.54 -18.99
CA GLY A 46 24.98 28.92 -18.59
C GLY A 46 23.66 29.54 -19.02
N LYS A 47 22.96 28.93 -19.97
CA LYS A 47 21.68 29.45 -20.44
C LYS A 47 20.55 28.87 -19.59
N GLU A 48 19.34 29.35 -19.84
CA GLU A 48 18.20 28.91 -19.05
C GLU A 48 17.69 27.55 -19.54
N ARG A 49 16.86 26.91 -18.72
CA ARG A 49 16.14 25.73 -19.20
C ARG A 49 15.06 26.20 -20.14
N GLU A 50 14.95 25.59 -21.32
CA GLU A 50 13.91 25.89 -22.27
C GLU A 50 13.01 24.67 -22.49
N PHE A 51 11.73 24.93 -22.59
CA PHE A 51 10.75 23.87 -22.81
C PHE A 51 10.97 23.20 -24.17
N VAL A 52 10.95 21.87 -24.20
CA VAL A 52 11.07 21.10 -25.44
C VAL A 52 9.72 20.48 -25.83
N ALA A 53 9.14 19.65 -24.97
CA ALA A 53 7.94 18.90 -25.30
C ALA A 53 7.18 18.64 -24.00
N GLY A 54 5.85 18.58 -24.13
CA GLY A 54 4.99 18.26 -23.01
C GLY A 54 3.85 17.35 -23.43
N ILE A 55 3.42 16.50 -22.51
CA ILE A 55 2.40 15.51 -22.78
C ILE A 55 1.44 15.50 -21.59
N SER A 56 0.15 15.41 -21.90
CA SER A 56 -0.88 15.29 -20.90
C SER A 56 -0.73 13.97 -20.15
N TRP A 57 -1.48 13.86 -19.05
CA TRP A 57 -1.42 12.61 -18.29
C TRP A 57 -1.97 11.44 -19.10
N THR A 58 -2.95 11.70 -19.96
CA THR A 58 -3.59 10.67 -20.76
C THR A 58 -2.74 10.25 -21.94
N GLY A 59 -1.80 11.09 -22.35
CA GLY A 59 -1.05 10.85 -23.57
C GLY A 59 -1.70 11.45 -24.80
N GLY A 60 -2.92 11.94 -24.69
CA GLY A 60 -3.70 12.37 -25.84
C GLY A 60 -3.48 13.78 -26.30
N HIS A 61 -2.76 14.60 -25.55
CA HIS A 61 -2.49 15.97 -25.97
C HIS A 61 -1.01 16.25 -25.75
N THR A 62 -0.35 16.77 -26.79
CA THR A 62 1.08 17.02 -26.71
C THR A 62 1.32 18.45 -27.17
N LEU A 63 2.45 19.02 -26.69
CA LEU A 63 2.96 20.32 -27.11
C LEU A 63 4.45 20.21 -27.41
N TYR A 64 4.91 21.04 -28.35
CA TYR A 64 6.30 21.03 -28.77
C TYR A 64 6.77 22.46 -29.01
N THR A 65 8.01 22.73 -28.66
CA THR A 65 8.60 24.01 -29.05
C THR A 65 8.81 23.99 -30.57
N ASP A 66 8.71 25.16 -31.18
CA ASP A 66 8.69 25.24 -32.64
C ASP A 66 9.90 24.52 -33.25
N SER A 67 11.09 24.77 -32.70
CA SER A 67 12.30 24.30 -33.36
C SER A 67 12.41 22.79 -33.38
N VAL A 68 11.56 22.04 -32.67
CA VAL A 68 11.63 20.59 -32.76
C VAL A 68 10.40 19.99 -33.42
N LYS A 69 9.42 20.82 -33.80
CA LYS A 69 8.19 20.34 -34.42
C LYS A 69 8.51 19.44 -35.61
N GLY A 70 7.92 18.24 -35.60
CA GLY A 70 8.13 17.28 -36.66
C GLY A 70 9.43 16.50 -36.62
N ARG A 71 10.30 16.76 -35.65
CA ARG A 71 11.46 15.89 -35.44
C ARG A 71 11.43 15.14 -34.12
N PHE A 72 10.87 15.73 -33.08
CA PHE A 72 10.80 15.09 -31.77
C PHE A 72 9.37 14.61 -31.54
N THR A 73 9.24 13.43 -30.89
CA THR A 73 7.94 12.91 -30.44
C THR A 73 8.00 12.53 -28.96
N ILE A 74 7.14 13.10 -28.17
CA ILE A 74 6.98 12.70 -26.78
C ILE A 74 5.82 11.73 -26.65
N SER A 75 5.99 10.72 -25.79
CA SER A 75 4.98 9.70 -25.59
C SER A 75 5.18 9.11 -24.21
N ARG A 76 4.19 8.33 -23.76
CA ARG A 76 4.31 7.79 -22.39
C ARG A 76 3.65 6.43 -22.32
N ASP A 77 4.07 5.64 -21.33
CA ASP A 77 3.50 4.32 -21.07
C ASP A 77 3.02 4.30 -19.62
N ASN A 78 1.73 4.57 -19.39
CA ASN A 78 1.24 4.81 -18.03
C ASN A 78 1.30 3.55 -17.17
N ALA A 79 1.43 2.38 -17.80
CA ALA A 79 1.56 1.13 -17.05
C ALA A 79 3.02 0.79 -16.75
N LYS A 80 3.97 1.60 -17.22
CA LYS A 80 5.41 1.31 -17.12
C LYS A 80 6.20 2.50 -16.54
N ASN A 81 5.52 3.54 -16.07
CA ASN A 81 6.15 4.66 -15.38
C ASN A 81 7.19 5.37 -16.23
N THR A 82 7.00 5.42 -17.55
CA THR A 82 8.02 6.00 -18.41
C THR A 82 7.46 6.98 -19.44
N VAL A 83 8.21 8.07 -19.64
CA VAL A 83 7.99 8.97 -20.77
C VAL A 83 9.21 8.90 -21.67
N TYR A 84 8.98 8.94 -22.96
CA TYR A 84 10.02 8.87 -23.97
C TYR A 84 10.04 10.15 -24.78
N LEU A 85 11.21 10.49 -25.29
CA LEU A 85 11.32 11.61 -26.22
C LEU A 85 12.13 11.07 -27.41
N GLN A 86 11.42 10.78 -28.50
CA GLN A 86 12.08 10.33 -29.73
C GLN A 86 12.61 11.55 -30.45
N MET A 87 13.93 11.63 -30.65
CA MET A 87 14.54 12.79 -31.31
C MET A 87 15.21 12.30 -32.60
N ASN A 88 14.61 12.66 -33.73
CA ASN A 88 15.07 12.32 -35.07
C ASN A 88 15.65 13.56 -35.73
N SER A 89 16.49 13.35 -36.74
CA SER A 89 17.06 14.45 -37.52
C SER A 89 17.80 15.43 -36.62
N LEU A 90 18.57 14.90 -35.70
CA LEU A 90 19.23 15.75 -34.69
C LEU A 90 20.22 16.70 -35.35
N LYS A 91 20.23 17.93 -34.88
CA LYS A 91 21.12 18.96 -35.35
C LYS A 91 22.05 19.39 -34.22
N PRO A 92 23.23 19.96 -34.54
CA PRO A 92 24.13 20.40 -33.45
C PRO A 92 23.45 21.32 -32.45
N GLU A 93 22.55 22.19 -32.90
CA GLU A 93 21.87 23.09 -31.99
C GLU A 93 21.00 22.36 -30.98
N ASP A 94 20.77 21.06 -31.14
CA ASP A 94 20.06 20.25 -30.14
C ASP A 94 20.95 19.80 -28.99
N THR A 95 22.25 20.11 -29.03
CA THR A 95 23.17 19.68 -27.98
C THR A 95 22.80 20.37 -26.68
N ALA A 96 22.67 19.61 -25.60
CA ALA A 96 22.21 20.17 -24.34
C ALA A 96 22.09 19.08 -23.30
N LEU A 97 21.99 19.51 -22.04
CA LEU A 97 21.52 18.66 -20.97
C LEU A 97 19.99 18.66 -21.01
N TYR A 98 19.39 17.46 -21.07
CA TYR A 98 17.96 17.28 -21.24
C TYR A 98 17.35 16.89 -19.90
N TYR A 99 16.38 17.66 -19.44
CA TYR A 99 15.68 17.36 -18.19
C TYR A 99 14.26 16.86 -18.43
N CYS A 100 13.90 15.80 -17.71
CA CYS A 100 12.53 15.39 -17.48
C CYS A 100 11.89 16.18 -16.32
N ALA A 101 10.61 16.56 -16.50
CA ALA A 101 9.87 17.31 -15.49
C ALA A 101 8.48 16.72 -15.33
N ALA A 102 7.89 16.96 -14.18
CA ALA A 102 6.58 16.41 -13.87
C ALA A 102 5.78 17.38 -13.02
N ASP A 103 4.45 17.30 -13.18
CA ASP A 103 3.55 18.14 -12.41
C ASP A 103 2.23 17.41 -12.25
N ARG A 104 1.68 17.43 -11.05
CA ARG A 104 0.36 16.88 -10.84
C ARG A 104 -0.60 17.55 -11.82
N ALA A 105 -1.26 16.76 -12.65
CA ALA A 105 -2.09 17.34 -13.72
C ALA A 105 -3.39 17.92 -13.18
N ALA A 106 -3.69 19.15 -13.56
CA ALA A 106 -4.93 19.79 -13.17
C ALA A 106 -6.09 19.48 -14.10
N ASP A 107 -5.81 19.09 -15.34
CA ASP A 107 -6.83 18.79 -16.33
C ASP A 107 -6.26 17.76 -17.30
N PHE A 108 -6.87 17.67 -18.48
CA PHE A 108 -6.52 16.63 -19.43
C PHE A 108 -5.49 17.07 -20.44
N PHE A 109 -4.88 18.24 -20.24
CA PHE A 109 -3.98 18.81 -21.24
C PHE A 109 -2.52 18.68 -20.81
N ALA A 110 -1.63 18.94 -21.78
CA ALA A 110 -0.20 19.12 -21.57
C ALA A 110 0.04 20.53 -21.05
N GLN A 111 1.25 20.79 -20.56
CA GLN A 111 1.59 22.11 -20.05
C GLN A 111 3.04 22.44 -20.40
N ARG A 112 3.32 23.74 -20.57
CA ARG A 112 4.63 24.25 -20.99
C ARG A 112 5.48 24.76 -19.82
N ASP A 113 4.97 24.79 -18.62
CA ASP A 113 5.69 25.43 -17.51
C ASP A 113 5.06 25.02 -16.20
N GLU A 114 5.53 25.63 -15.11
CA GLU A 114 4.99 25.40 -13.78
C GLU A 114 5.11 23.93 -13.39
N TYR A 115 6.20 23.29 -13.78
CA TYR A 115 6.48 21.95 -13.28
C TYR A 115 7.11 21.99 -11.90
N ASP A 116 6.65 21.10 -11.03
CA ASP A 116 7.14 21.02 -9.66
C ASP A 116 8.36 20.12 -9.51
N TYR A 117 8.45 19.03 -10.31
CA TYR A 117 9.45 17.99 -10.13
C TYR A 117 10.39 17.86 -11.32
N TRP A 118 11.68 17.60 -11.04
CA TRP A 118 12.74 17.68 -12.04
C TRP A 118 13.72 16.55 -11.85
N GLY A 119 14.17 15.97 -12.97
CA GLY A 119 15.27 15.04 -12.95
C GLY A 119 16.58 15.81 -13.00
N GLN A 120 17.68 15.06 -12.91
CA GLN A 120 19.00 15.66 -12.94
C GLN A 120 19.52 15.85 -14.37
N GLY A 121 18.99 15.11 -15.31
CA GLY A 121 19.25 15.32 -16.71
C GLY A 121 20.18 14.25 -17.28
N THR A 122 20.09 14.09 -18.60
CA THR A 122 20.91 13.17 -19.41
C THR A 122 21.49 13.99 -20.54
N GLN A 123 22.80 13.88 -20.78
CA GLN A 123 23.48 14.74 -21.75
C GLN A 123 23.25 14.23 -23.18
N VAL A 124 22.96 15.16 -24.06
CA VAL A 124 22.82 14.87 -25.48
C VAL A 124 23.80 15.78 -26.22
N THR A 125 24.69 15.16 -26.99
CA THR A 125 25.70 15.88 -27.76
C THR A 125 25.57 15.52 -29.23
N VAL A 126 25.29 16.52 -30.06
CA VAL A 126 25.13 16.30 -31.51
C VAL A 126 26.35 16.92 -32.19
N SER A 127 27.21 16.07 -32.72
CA SER A 127 28.43 16.57 -33.37
C SER A 127 28.15 17.23 -34.72
N GLY A 128 28.74 18.40 -34.94
CA GLY A 128 28.62 19.09 -36.21
C GLY A 128 29.75 18.81 -37.18
N LEU A 129 30.58 17.82 -36.91
CA LEU A 129 31.74 17.51 -37.74
C LEU A 129 31.35 17.28 -39.20
N GLU A 130 32.03 17.97 -40.10
CA GLU A 130 31.84 17.77 -41.54
C GLU A 130 33.02 17.02 -42.12
N VAL A 131 32.72 15.96 -42.86
CA VAL A 131 33.77 15.26 -43.60
C VAL A 131 34.41 16.15 -44.65
N LEU A 132 35.74 16.09 -44.73
CA LEU A 132 36.52 16.78 -45.75
C LEU A 132 36.68 15.83 -46.94
N PHE A 133 35.99 16.12 -48.04
CA PHE A 133 36.07 15.27 -49.24
C PHE A 133 37.18 15.74 -50.20
N ASP B 5 17.31 19.47 19.58
CA ASP B 5 17.68 20.76 18.99
C ASP B 5 19.09 20.64 18.37
N VAL B 6 19.25 21.32 17.25
CA VAL B 6 20.41 21.18 16.39
C VAL B 6 21.01 22.57 16.24
N GLN B 7 22.33 22.67 16.41
CA GLN B 7 23.05 23.92 16.32
C GLN B 7 24.05 23.82 15.17
N LEU B 8 24.12 24.87 14.36
CA LEU B 8 24.89 24.88 13.11
C LEU B 8 25.84 26.07 13.19
N VAL B 9 27.11 25.85 12.86
CA VAL B 9 28.09 26.92 12.92
C VAL B 9 28.89 26.92 11.61
N GLU B 10 28.82 28.04 10.87
CA GLU B 10 29.51 28.17 9.60
C GLU B 10 30.88 28.79 9.84
N SER B 11 31.86 28.36 9.06
CA SER B 11 33.19 28.96 9.10
C SER B 11 33.68 29.14 7.67
N GLY B 12 34.72 29.98 7.48
CA GLY B 12 35.46 29.98 6.22
C GLY B 12 35.31 31.23 5.39
N GLY B 13 34.43 32.15 5.76
CA GLY B 13 34.16 33.29 4.92
C GLY B 13 35.26 34.33 4.98
N GLY B 14 35.12 35.33 4.12
CA GLY B 14 36.09 36.39 4.04
C GLY B 14 36.07 37.04 2.68
N LEU B 15 37.12 37.81 2.43
CA LEU B 15 37.32 38.55 1.18
C LEU B 15 38.24 37.77 0.26
N VAL B 16 37.79 37.53 -0.97
CA VAL B 16 38.55 36.73 -1.92
C VAL B 16 38.51 37.39 -3.29
N GLN B 17 39.58 37.20 -4.06
CA GLN B 17 39.67 37.78 -5.39
C GLN B 17 38.78 37.04 -6.36
N ALA B 18 38.11 37.78 -7.24
CA ALA B 18 37.39 37.15 -8.35
C ALA B 18 38.26 36.16 -9.11
N GLY B 19 37.64 35.04 -9.51
CA GLY B 19 38.37 33.91 -10.07
C GLY B 19 39.02 33.01 -9.05
N GLY B 20 39.14 33.46 -7.81
CA GLY B 20 39.69 32.65 -6.75
C GLY B 20 38.68 31.63 -6.23
N SER B 21 39.10 30.92 -5.19
CA SER B 21 38.35 29.80 -4.63
C SER B 21 38.48 29.78 -3.11
N LEU B 22 37.45 29.27 -2.46
CA LEU B 22 37.47 29.04 -1.02
C LEU B 22 36.50 27.94 -0.66
N ARG B 23 36.69 27.37 0.52
CA ARG B 23 35.78 26.36 1.05
C ARG B 23 35.11 26.85 2.32
N LEU B 24 33.78 26.71 2.39
CA LEU B 24 33.01 26.95 3.61
C LEU B 24 32.80 25.63 4.32
N SER B 25 32.67 25.70 5.65
CA SER B 25 32.48 24.56 6.53
C SER B 25 31.30 24.91 7.43
N CYS B 26 30.54 23.91 7.82
CA CYS B 26 29.48 24.07 8.80
C CYS B 26 29.45 22.81 9.65
N THR B 27 29.63 22.95 10.99
CA THR B 27 29.51 21.81 11.90
C THR B 27 28.08 21.67 12.44
N VAL B 28 27.68 20.44 12.72
CA VAL B 28 26.35 20.14 13.30
C VAL B 28 26.54 19.49 14.67
N SER B 29 25.90 20.04 15.70
CA SER B 29 25.90 19.39 17.00
C SER B 29 24.47 19.25 17.54
N GLY B 30 24.31 18.33 18.47
CA GLY B 30 23.08 18.23 19.24
C GLY B 30 22.33 16.96 18.98
N ARG B 31 22.37 16.51 17.72
CA ARG B 31 21.79 15.26 17.30
C ARG B 31 22.70 14.65 16.24
N THR B 32 22.45 13.39 15.93
CA THR B 32 23.31 12.64 15.02
C THR B 32 23.30 13.23 13.62
N PHE B 33 24.49 13.53 13.11
CA PHE B 33 24.65 14.22 11.83
C PHE B 33 24.05 13.44 10.70
N SER B 34 24.22 12.12 10.70
CA SER B 34 23.76 11.32 9.60
C SER B 34 22.24 11.27 9.47
N ASN B 35 21.52 11.88 10.40
CA ASN B 35 20.08 11.99 10.27
C ASN B 35 19.63 13.17 9.44
N TYR B 36 20.56 14.06 9.08
CA TYR B 36 20.22 15.34 8.46
C TYR B 36 20.65 15.46 7.03
N ALA B 37 19.71 15.88 6.18
CA ALA B 37 20.03 16.50 4.92
C ALA B 37 20.56 17.91 5.21
N MET B 38 21.59 18.31 4.47
CA MET B 38 22.19 19.61 4.67
C MET B 38 22.13 20.44 3.41
N GLY B 39 22.03 21.74 3.58
CA GLY B 39 22.06 22.65 2.46
C GLY B 39 22.81 23.93 2.77
N TRP B 40 23.20 24.62 1.70
CA TRP B 40 23.73 25.99 1.75
C TRP B 40 22.78 26.92 1.01
N PHE B 41 22.55 28.08 1.61
CA PHE B 41 21.79 29.20 1.08
C PHE B 41 22.64 30.45 1.13
N ARG B 42 22.22 31.46 0.37
CA ARG B 42 22.96 32.71 0.38
C ARG B 42 22.02 33.88 0.17
N GLN B 43 22.38 35.01 0.76
CA GLN B 43 21.59 36.23 0.65
C GLN B 43 22.52 37.38 0.30
N ALA B 44 22.47 37.78 -0.96
CA ALA B 44 23.19 38.94 -1.46
C ALA B 44 22.48 40.21 -0.99
N PRO B 45 23.21 41.31 -0.84
CA PRO B 45 22.62 42.50 -0.24
C PRO B 45 21.49 43.07 -1.10
N GLY B 46 20.38 43.39 -0.45
CA GLY B 46 19.21 43.87 -1.18
C GLY B 46 18.51 42.84 -2.03
N LYS B 47 18.64 41.56 -1.72
CA LYS B 47 17.95 40.49 -2.45
C LYS B 47 17.49 39.43 -1.46
N GLU B 48 16.60 38.57 -1.93
CA GLU B 48 16.07 37.52 -1.07
C GLU B 48 17.08 36.37 -0.96
N ARG B 49 16.94 35.60 0.11
CA ARG B 49 17.79 34.43 0.33
C ARG B 49 17.46 33.37 -0.72
N GLU B 50 18.48 32.72 -1.26
CA GLU B 50 18.29 31.75 -2.33
C GLU B 50 19.06 30.47 -2.04
N PHE B 51 18.49 29.35 -2.48
CA PHE B 51 19.17 28.06 -2.43
C PHE B 51 20.45 28.05 -3.25
N VAL B 52 21.47 27.36 -2.73
CA VAL B 52 22.73 27.25 -3.44
C VAL B 52 23.01 25.79 -3.76
N ALA B 53 23.04 24.95 -2.74
CA ALA B 53 23.38 23.54 -2.91
C ALA B 53 22.81 22.73 -1.75
N GLY B 54 22.56 21.46 -2.03
CA GLY B 54 22.01 20.57 -1.03
C GLY B 54 22.57 19.18 -1.17
N ILE B 55 22.65 18.48 -0.05
CA ILE B 55 23.19 17.12 -0.03
C ILE B 55 22.31 16.20 0.81
N SER B 56 22.15 14.97 0.36
CA SER B 56 21.37 13.99 1.11
C SER B 56 22.09 13.60 2.39
N TRP B 57 21.39 12.88 3.26
CA TRP B 57 22.04 12.40 4.49
C TRP B 57 23.16 11.40 4.20
N THR B 58 23.03 10.66 3.11
CA THR B 58 24.04 9.65 2.75
C THR B 58 25.29 10.24 2.09
N GLY B 59 25.25 11.48 1.62
CA GLY B 59 26.24 11.96 0.68
C GLY B 59 26.01 11.55 -0.75
N GLY B 60 25.11 10.60 -1.02
CA GLY B 60 24.94 10.05 -2.36
C GLY B 60 24.18 10.92 -3.34
N HIS B 61 23.46 11.93 -2.88
CA HIS B 61 22.68 12.75 -3.82
C HIS B 61 22.90 14.22 -3.50
N THR B 62 23.07 15.03 -4.55
CA THR B 62 23.28 16.45 -4.45
C THR B 62 22.44 17.22 -5.47
N LEU B 63 22.22 18.49 -5.16
CA LEU B 63 21.41 19.41 -5.95
C LEU B 63 22.10 20.77 -5.89
N TYR B 64 22.16 21.42 -7.05
CA TYR B 64 22.75 22.76 -7.15
C TYR B 64 21.80 23.71 -7.84
N THR B 65 21.86 24.96 -7.44
CA THR B 65 21.24 26.00 -8.24
C THR B 65 22.01 26.19 -9.55
N ASP B 66 21.27 26.46 -10.64
CA ASP B 66 21.88 26.47 -11.97
C ASP B 66 23.11 27.38 -12.03
N SER B 67 23.05 28.57 -11.40
CA SER B 67 24.14 29.53 -11.54
C SER B 67 25.46 29.11 -10.86
N VAL B 68 25.49 28.04 -10.07
CA VAL B 68 26.74 27.59 -9.47
C VAL B 68 27.18 26.23 -9.99
N LYS B 69 26.40 25.62 -10.88
CA LYS B 69 26.78 24.33 -11.43
C LYS B 69 28.13 24.43 -12.12
N GLY B 70 28.99 23.47 -11.84
CA GLY B 70 30.31 23.41 -12.39
C GLY B 70 31.36 24.19 -11.64
N ARG B 71 30.96 24.99 -10.65
CA ARG B 71 31.90 25.78 -9.86
C ARG B 71 31.86 25.42 -8.38
N PHE B 72 30.67 25.16 -7.84
CA PHE B 72 30.48 24.84 -6.43
C PHE B 72 30.20 23.36 -6.28
N THR B 73 30.65 22.82 -5.17
CA THR B 73 30.50 21.42 -4.84
C THR B 73 30.21 21.33 -3.34
N ILE B 74 29.21 20.54 -2.98
CA ILE B 74 28.82 20.30 -1.61
C ILE B 74 29.23 18.88 -1.28
N SER B 75 29.72 18.68 -0.06
CA SER B 75 30.19 17.38 0.41
C SER B 75 30.04 17.35 1.92
N ARG B 76 30.12 16.15 2.47
CA ARG B 76 30.03 15.99 3.90
C ARG B 76 31.02 14.93 4.38
N ASP B 77 31.42 15.08 5.63
CA ASP B 77 32.32 14.17 6.33
C ASP B 77 31.62 13.83 7.64
N ASN B 78 30.96 12.68 7.68
CA ASN B 78 30.16 12.30 8.83
C ASN B 78 31.04 12.22 10.08
N ALA B 79 32.30 11.82 9.92
CA ALA B 79 33.15 11.61 11.07
C ALA B 79 33.42 12.90 11.80
N LYS B 80 33.41 14.03 11.08
CA LYS B 80 33.61 15.35 11.68
C LYS B 80 32.31 16.14 11.82
N ASN B 81 31.17 15.51 11.58
CA ASN B 81 29.89 16.23 11.71
C ASN B 81 29.91 17.52 10.91
N THR B 82 30.42 17.46 9.67
CA THR B 82 30.66 18.68 8.91
C THR B 82 30.15 18.56 7.49
N VAL B 83 29.58 19.65 7.00
CA VAL B 83 29.24 19.82 5.60
C VAL B 83 30.09 20.95 5.04
N TYR B 84 30.50 20.79 3.77
CA TYR B 84 31.40 21.72 3.11
C TYR B 84 30.75 22.29 1.87
N LEU B 85 31.08 23.54 1.56
CA LEU B 85 30.83 24.12 0.25
C LEU B 85 32.16 24.58 -0.36
N GLN B 86 32.65 23.83 -1.35
CA GLN B 86 33.85 24.22 -2.11
C GLN B 86 33.41 25.17 -3.20
N MET B 87 33.89 26.41 -3.18
CA MET B 87 33.42 27.44 -4.09
C MET B 87 34.58 27.85 -5.00
N ASN B 88 34.55 27.45 -6.27
CA ASN B 88 35.61 27.79 -7.23
C ASN B 88 35.13 28.84 -8.24
N SER B 89 36.08 29.36 -9.02
CA SER B 89 35.82 30.33 -10.09
C SER B 89 34.83 31.42 -9.65
N LEU B 90 35.18 32.09 -8.56
CA LEU B 90 34.22 33.01 -7.93
C LEU B 90 33.98 34.23 -8.81
N LYS B 91 32.76 34.71 -8.78
CA LYS B 91 32.35 35.92 -9.47
C LYS B 91 31.77 36.90 -8.46
N PRO B 92 31.80 38.20 -8.75
CA PRO B 92 31.20 39.17 -7.82
C PRO B 92 29.74 38.91 -7.53
N GLU B 93 29.01 38.26 -8.45
CA GLU B 93 27.65 37.83 -8.16
C GLU B 93 27.60 36.80 -7.04
N ASP B 94 28.74 36.23 -6.64
CA ASP B 94 28.76 35.28 -5.51
C ASP B 94 28.89 35.97 -4.16
N THR B 95 29.05 37.30 -4.13
CA THR B 95 29.14 38.03 -2.88
C THR B 95 27.81 37.94 -2.14
N ALA B 96 27.87 37.51 -0.88
CA ALA B 96 26.65 37.29 -0.11
C ALA B 96 27.01 36.78 1.27
N LEU B 97 25.97 36.72 2.12
CA LEU B 97 26.01 36.02 3.39
C LEU B 97 25.55 34.60 3.14
N TYR B 98 26.39 33.62 3.50
CA TYR B 98 26.17 32.21 3.21
C TYR B 98 25.71 31.47 4.46
N TYR B 99 24.56 30.80 4.35
CA TYR B 99 23.93 30.12 5.46
C TYR B 99 23.94 28.61 5.24
N CYS B 100 24.37 27.90 6.28
CA CYS B 100 24.22 26.45 6.39
C CYS B 100 22.83 26.14 6.95
N ALA B 101 22.24 25.02 6.50
CA ALA B 101 20.87 24.68 6.93
C ALA B 101 20.76 23.17 7.06
N ALA B 102 19.89 22.70 7.95
CA ALA B 102 19.77 21.27 8.20
C ALA B 102 18.29 20.87 8.37
N ASP B 103 17.99 19.64 8.00
CA ASP B 103 16.64 19.12 8.09
C ASP B 103 16.69 17.61 8.25
N ARG B 104 15.93 17.09 9.20
CA ARG B 104 15.87 15.65 9.38
C ARG B 104 15.37 14.97 8.12
N ALA B 105 16.19 14.06 7.56
CA ALA B 105 15.95 13.51 6.24
C ALA B 105 14.80 12.50 6.26
N ALA B 106 13.89 12.68 5.32
CA ALA B 106 12.76 11.76 5.15
C ALA B 106 13.02 10.76 4.05
N ASP B 107 14.02 11.02 3.20
CA ASP B 107 14.28 10.17 2.04
C ASP B 107 15.78 10.23 1.78
N PHE B 108 16.19 9.65 0.67
CA PHE B 108 17.58 9.57 0.26
C PHE B 108 18.06 10.74 -0.58
N PHE B 109 17.24 11.79 -0.75
CA PHE B 109 17.55 12.86 -1.70
C PHE B 109 17.91 14.16 -1.00
N ALA B 110 18.63 15.00 -1.74
CA ALA B 110 18.84 16.37 -1.27
C ALA B 110 17.54 17.17 -1.44
N GLN B 111 17.43 18.26 -0.67
CA GLN B 111 16.23 19.07 -0.72
C GLN B 111 16.58 20.54 -0.90
N ARG B 112 15.68 21.21 -1.61
CA ARG B 112 15.82 22.59 -1.99
C ARG B 112 15.23 23.57 -1.00
N ASP B 113 14.33 23.13 -0.13
CA ASP B 113 13.66 24.03 0.80
C ASP B 113 13.17 23.25 2.01
N GLU B 114 12.41 23.93 2.88
CA GLU B 114 11.78 23.29 4.02
C GLU B 114 12.82 22.80 5.03
N TYR B 115 13.82 23.63 5.33
CA TYR B 115 14.84 23.31 6.32
C TYR B 115 14.46 23.88 7.68
N ASP B 116 14.44 23.01 8.71
CA ASP B 116 14.10 23.45 10.06
C ASP B 116 15.19 24.25 10.74
N TYR B 117 16.46 23.98 10.44
CA TYR B 117 17.54 24.56 11.22
C TYR B 117 18.46 25.42 10.36
N TRP B 118 18.93 26.50 10.95
CA TRP B 118 19.72 27.51 10.26
C TRP B 118 20.86 28.01 11.12
N GLY B 119 22.00 28.22 10.44
CA GLY B 119 23.12 28.89 11.06
C GLY B 119 22.98 30.40 10.96
N GLN B 120 23.91 31.10 11.58
CA GLN B 120 23.94 32.56 11.57
C GLN B 120 24.58 33.12 10.32
N GLY B 121 25.36 32.32 9.61
CA GLY B 121 25.84 32.75 8.32
C GLY B 121 27.26 33.27 8.38
N THR B 122 27.97 33.15 7.26
CA THR B 122 29.33 33.65 7.09
C THR B 122 29.40 34.50 5.83
N GLN B 123 29.96 35.70 5.94
CA GLN B 123 30.08 36.61 4.81
C GLN B 123 31.21 36.22 3.85
N VAL B 124 30.88 36.14 2.57
CA VAL B 124 31.81 35.91 1.48
C VAL B 124 31.72 37.14 0.60
N THR B 125 32.85 37.82 0.43
CA THR B 125 32.92 38.98 -0.46
C THR B 125 33.97 38.75 -1.54
N VAL B 126 33.56 38.95 -2.80
CA VAL B 126 34.41 38.72 -3.95
C VAL B 126 34.86 40.08 -4.48
N SER B 127 36.16 40.27 -4.60
CA SER B 127 36.69 41.49 -5.22
C SER B 127 36.39 41.57 -6.71
N MET C 3 12.41 10.62 19.53
CA MET C 3 13.43 10.42 18.46
C MET C 3 13.01 11.20 17.20
N ALA C 4 11.88 10.82 16.60
CA ALA C 4 11.33 11.58 15.47
C ALA C 4 11.04 13.04 15.87
N ASP C 5 10.92 13.91 14.86
CA ASP C 5 10.67 15.31 15.19
C ASP C 5 9.21 15.57 15.61
N VAL C 6 8.30 14.69 15.27
CA VAL C 6 6.90 14.77 15.69
C VAL C 6 6.60 13.51 16.48
N GLN C 7 6.05 13.69 17.69
CA GLN C 7 5.65 12.54 18.50
C GLN C 7 4.13 12.51 18.60
N LEU C 8 3.57 11.34 18.37
CA LEU C 8 2.12 11.11 18.40
C LEU C 8 1.80 10.15 19.53
N VAL C 9 0.81 10.51 20.35
CA VAL C 9 0.41 9.71 21.53
C VAL C 9 -1.11 9.55 21.51
N GLU C 10 -1.57 8.35 21.14
CA GLU C 10 -2.96 7.94 21.14
C GLU C 10 -3.48 7.69 22.54
N SER C 11 -4.81 7.66 22.68
CA SER C 11 -5.44 7.40 23.97
C SER C 11 -6.95 7.27 23.76
N GLY C 12 -7.63 6.91 24.85
CA GLY C 12 -9.07 6.75 24.84
C GLY C 12 -9.60 5.40 24.42
N GLY C 13 -8.74 4.50 23.93
CA GLY C 13 -9.20 3.18 23.53
C GLY C 13 -9.69 2.34 24.71
N GLY C 14 -10.07 1.10 24.41
CA GLY C 14 -10.41 0.17 25.48
C GLY C 14 -11.53 -0.79 25.09
N LEU C 15 -12.29 -1.19 26.10
CA LEU C 15 -13.27 -2.27 25.98
C LEU C 15 -14.67 -1.71 25.86
N VAL C 16 -15.40 -2.14 24.83
CA VAL C 16 -16.72 -1.59 24.51
C VAL C 16 -17.50 -2.62 23.70
N GLN C 17 -18.83 -2.40 23.62
CA GLN C 17 -19.75 -3.37 23.05
C GLN C 17 -20.45 -2.82 21.82
N ALA C 18 -20.89 -3.73 20.95
CA ALA C 18 -21.50 -3.33 19.68
C ALA C 18 -22.63 -2.33 19.92
N GLY C 19 -22.75 -1.36 19.00
CA GLY C 19 -23.67 -0.25 19.13
C GLY C 19 -23.20 0.87 20.05
N GLY C 20 -22.08 0.67 20.76
CA GLY C 20 -21.58 1.70 21.65
C GLY C 20 -20.73 2.72 20.93
N SER C 21 -20.17 3.62 21.74
CA SER C 21 -19.40 4.77 21.26
C SER C 21 -18.07 4.89 21.98
N LEU C 22 -17.08 5.42 21.27
CA LEU C 22 -15.74 5.69 21.83
C LEU C 22 -15.14 6.92 21.19
N ARG C 23 -14.36 7.68 21.97
CA ARG C 23 -13.66 8.85 21.45
C ARG C 23 -12.15 8.63 21.58
N LEU C 24 -11.50 8.23 20.48
CA LEU C 24 -10.03 8.18 20.45
C LEU C 24 -9.45 9.58 20.34
N SER C 25 -8.26 9.78 20.89
CA SER C 25 -7.56 11.06 20.79
C SER C 25 -6.08 10.79 20.49
N CYS C 26 -5.41 11.80 19.93
CA CYS C 26 -4.00 11.69 19.59
C CYS C 26 -3.41 13.08 19.70
N THR C 27 -2.45 13.26 20.59
CA THR C 27 -1.82 14.55 20.81
C THR C 27 -0.52 14.59 19.99
N VAL C 28 -0.21 15.77 19.49
CA VAL C 28 0.94 15.97 18.59
C VAL C 28 1.86 16.96 19.27
N SER C 29 3.12 16.56 19.46
CA SER C 29 4.11 17.48 19.97
C SER C 29 5.37 17.40 19.11
N GLY C 30 6.25 18.38 19.30
CA GLY C 30 7.56 18.44 18.67
C GLY C 30 7.60 19.47 17.55
N ARG C 31 6.49 19.62 16.83
CA ARG C 31 6.32 20.59 15.76
C ARG C 31 4.87 21.11 15.81
N THR C 32 4.65 22.28 15.24
CA THR C 32 3.31 22.91 15.22
C THR C 32 2.23 22.03 14.59
N PHE C 33 1.17 21.77 15.38
CA PHE C 33 0.13 20.82 14.97
C PHE C 33 -0.53 21.23 13.67
N SER C 34 -0.80 22.53 13.49
CA SER C 34 -1.52 23.02 12.31
C SER C 34 -0.72 22.90 11.02
N ASN C 35 0.53 22.48 11.08
CA ASN C 35 1.27 22.15 9.85
C ASN C 35 0.96 20.78 9.30
N TYR C 36 0.24 19.94 10.05
CA TYR C 36 0.07 18.54 9.72
C TYR C 36 -1.36 18.16 9.37
N ALA C 37 -1.47 17.45 8.26
CA ALA C 37 -2.60 16.60 7.99
C ALA C 37 -2.50 15.35 8.86
N MET C 38 -3.66 14.87 9.31
CA MET C 38 -3.72 13.81 10.31
C MET C 38 -4.59 12.68 9.79
N GLY C 39 -4.20 11.48 10.18
CA GLY C 39 -4.89 10.29 9.77
C GLY C 39 -5.01 9.32 10.93
N TRP C 40 -6.03 8.48 10.83
CA TRP C 40 -6.22 7.32 11.68
C TRP C 40 -6.17 6.07 10.79
N PHE C 41 -5.44 5.06 11.25
CA PHE C 41 -5.36 3.75 10.60
C PHE C 41 -5.71 2.68 11.63
N ARG C 42 -5.95 1.47 11.16
CA ARG C 42 -6.14 0.37 12.09
C ARG C 42 -5.66 -0.94 11.48
N GLN C 43 -5.27 -1.85 12.36
CA GLN C 43 -4.81 -3.18 11.98
C GLN C 43 -5.46 -4.22 12.89
N ALA C 44 -6.05 -5.24 12.27
CA ALA C 44 -6.50 -6.43 13.02
C ALA C 44 -5.41 -7.50 12.95
N PRO C 45 -4.98 -8.09 14.10
CA PRO C 45 -3.92 -9.10 14.04
C PRO C 45 -4.04 -10.07 12.86
N GLY C 46 -2.94 -10.26 12.14
CA GLY C 46 -2.93 -11.10 10.96
C GLY C 46 -3.50 -10.48 9.71
N LYS C 47 -4.10 -9.30 9.81
CA LYS C 47 -4.67 -8.60 8.66
C LYS C 47 -3.84 -7.35 8.37
N GLU C 48 -4.03 -6.82 7.16
CA GLU C 48 -3.22 -5.71 6.68
C GLU C 48 -3.77 -4.36 7.17
N ARG C 49 -2.90 -3.55 7.76
CA ARG C 49 -3.25 -2.19 8.20
C ARG C 49 -3.94 -1.44 7.07
N GLU C 50 -5.05 -0.75 7.43
CA GLU C 50 -5.89 -0.07 6.45
C GLU C 50 -6.21 1.35 6.90
N PHE C 51 -6.44 2.22 5.92
CA PHE C 51 -6.85 3.60 6.19
C PHE C 51 -8.26 3.61 6.78
N VAL C 52 -8.47 4.43 7.82
CA VAL C 52 -9.81 4.63 8.42
C VAL C 52 -10.36 6.02 8.09
N ALA C 53 -9.68 7.07 8.53
CA ALA C 53 -10.15 8.45 8.36
C ALA C 53 -8.96 9.39 8.22
N GLY C 54 -9.20 10.51 7.56
CA GLY C 54 -8.16 11.51 7.40
C GLY C 54 -8.77 12.89 7.41
N ILE C 55 -7.97 13.85 7.90
CA ILE C 55 -8.39 15.23 8.05
C ILE C 55 -7.28 16.16 7.57
N SER C 56 -7.69 17.24 6.89
CA SER C 56 -6.78 18.29 6.47
C SER C 56 -6.22 19.05 7.66
N TRP C 57 -5.22 19.90 7.41
CA TRP C 57 -4.65 20.65 8.51
C TRP C 57 -5.70 21.62 9.11
N THR C 58 -6.63 22.10 8.26
CA THR C 58 -7.62 23.09 8.65
C THR C 58 -8.83 22.48 9.35
N GLY C 59 -9.01 21.19 9.23
CA GLY C 59 -10.27 20.55 9.54
C GLY C 59 -11.34 20.67 8.50
N GLY C 60 -11.10 21.42 7.42
CA GLY C 60 -12.17 21.63 6.45
C GLY C 60 -12.46 20.50 5.45
N HIS C 61 -11.58 19.51 5.33
CA HIS C 61 -11.74 18.43 4.38
C HIS C 61 -11.40 17.14 5.12
N THR C 62 -12.25 16.15 4.96
CA THR C 62 -12.12 14.89 5.66
C THR C 62 -12.37 13.77 4.65
N LEU C 63 -11.87 12.58 4.98
CA LEU C 63 -11.92 11.38 4.17
C LEU C 63 -12.19 10.21 5.09
N TYR C 64 -13.04 9.29 4.65
CA TYR C 64 -13.38 8.09 5.41
C TYR C 64 -13.36 6.88 4.48
N THR C 65 -12.84 5.76 4.98
CA THR C 65 -13.04 4.50 4.29
C THR C 65 -14.50 4.09 4.41
N ASP C 66 -14.95 3.28 3.44
CA ASP C 66 -16.37 2.99 3.32
C ASP C 66 -16.96 2.38 4.60
N SER C 67 -16.26 1.39 5.18
CA SER C 67 -16.82 0.60 6.28
C SER C 67 -17.11 1.41 7.53
N VAL C 68 -16.58 2.63 7.66
CA VAL C 68 -16.92 3.49 8.79
C VAL C 68 -17.75 4.70 8.37
N LYS C 69 -18.01 4.85 7.07
CA LYS C 69 -18.88 5.89 6.53
C LYS C 69 -20.15 6.05 7.34
N GLY C 70 -20.35 7.23 7.92
CA GLY C 70 -21.57 7.54 8.64
C GLY C 70 -21.52 7.22 10.12
N ARG C 71 -20.53 6.46 10.57
CA ARG C 71 -20.40 6.10 11.98
C ARG C 71 -19.24 6.78 12.68
N PHE C 72 -18.15 7.03 11.97
CA PHE C 72 -16.96 7.65 12.55
C PHE C 72 -16.84 9.10 12.09
N THR C 73 -16.42 9.96 13.01
CA THR C 73 -16.11 11.35 12.69
C THR C 73 -14.70 11.69 13.15
N ILE C 74 -13.85 12.15 12.20
CA ILE C 74 -12.53 12.68 12.57
C ILE C 74 -12.66 14.19 12.70
N SER C 75 -12.07 14.73 13.77
CA SER C 75 -12.05 16.17 14.01
C SER C 75 -10.72 16.55 14.68
N ARG C 76 -10.49 17.85 14.83
CA ARG C 76 -9.28 18.31 15.49
C ARG C 76 -9.50 19.65 16.17
N ASP C 77 -8.70 19.91 17.23
CA ASP C 77 -8.67 21.20 17.92
C ASP C 77 -7.24 21.72 17.89
N ASN C 78 -6.95 22.67 16.98
CA ASN C 78 -5.58 23.07 16.69
C ASN C 78 -4.94 23.78 17.89
N ALA C 79 -5.74 24.37 18.77
CA ALA C 79 -5.15 25.02 19.94
C ALA C 79 -4.78 24.04 21.04
N LYS C 80 -5.30 22.81 21.01
CA LYS C 80 -4.91 21.79 21.97
C LYS C 80 -4.05 20.68 21.36
N ASN C 81 -3.61 20.86 20.12
CA ASN C 81 -2.69 19.92 19.45
C ASN C 81 -3.20 18.49 19.39
N THR C 82 -4.51 18.32 19.23
CA THR C 82 -5.08 16.99 19.33
C THR C 82 -6.00 16.73 18.17
N VAL C 83 -6.00 15.49 17.70
CA VAL C 83 -6.92 15.02 16.68
C VAL C 83 -7.75 13.92 17.34
N TYR C 84 -9.01 13.83 16.94
CA TYR C 84 -9.97 12.94 17.58
C TYR C 84 -10.57 11.98 16.56
N LEU C 85 -10.88 10.76 17.00
CA LEU C 85 -11.75 9.87 16.24
C LEU C 85 -12.99 9.57 17.10
N GLN C 86 -14.15 10.06 16.67
CA GLN C 86 -15.42 9.71 17.31
C GLN C 86 -15.98 8.47 16.63
N MET C 87 -16.02 7.36 17.35
CA MET C 87 -16.50 6.11 16.79
C MET C 87 -17.87 5.83 17.40
N ASN C 88 -18.88 5.69 16.53
CA ASN C 88 -20.25 5.42 16.95
C ASN C 88 -20.71 4.12 16.31
N SER C 89 -21.75 3.54 16.88
CA SER C 89 -22.37 2.33 16.33
C SER C 89 -21.30 1.29 15.98
N LEU C 90 -20.52 0.94 16.99
CA LEU C 90 -19.35 0.08 16.79
C LEU C 90 -19.78 -1.33 16.39
N LYS C 91 -19.34 -1.77 15.20
CA LYS C 91 -19.58 -3.14 14.73
C LYS C 91 -18.47 -4.05 15.27
N PRO C 92 -18.52 -5.36 14.98
CA PRO C 92 -17.46 -6.23 15.51
C PRO C 92 -16.25 -6.22 14.60
N GLU C 93 -16.46 -5.97 13.30
CA GLU C 93 -15.37 -5.79 12.34
C GLU C 93 -14.53 -4.54 12.61
N ASP C 94 -14.79 -3.80 13.69
CA ASP C 94 -14.00 -2.66 14.08
C ASP C 94 -12.91 -3.00 15.10
N THR C 95 -12.87 -4.25 15.57
CA THR C 95 -11.83 -4.66 16.50
C THR C 95 -10.46 -4.54 15.83
N ALA C 96 -9.54 -3.85 16.50
CA ALA C 96 -8.19 -3.68 15.96
C ALA C 96 -7.36 -2.74 16.83
N LEU C 97 -6.06 -2.67 16.55
CA LEU C 97 -5.23 -1.60 17.08
C LEU C 97 -5.35 -0.41 16.13
N TYR C 98 -5.49 0.78 16.70
CA TYR C 98 -5.77 1.99 15.96
C TYR C 98 -4.57 2.93 16.05
N TYR C 99 -4.06 3.35 14.90
CA TYR C 99 -2.87 4.17 14.82
C TYR C 99 -3.21 5.57 14.34
N CYS C 100 -2.63 6.55 14.98
CA CYS C 100 -2.62 7.93 14.52
C CYS C 100 -1.38 8.16 13.67
N ALA C 101 -1.51 9.03 12.66
CA ALA C 101 -0.42 9.33 11.74
C ALA C 101 -0.52 10.79 11.31
N ALA C 102 0.64 11.36 11.00
CA ALA C 102 0.77 12.76 10.67
C ALA C 102 1.68 12.92 9.48
N ASP C 103 1.39 13.94 8.67
CA ASP C 103 2.19 14.30 7.50
C ASP C 103 2.08 15.80 7.25
N ARG C 104 3.18 16.40 6.88
CA ARG C 104 3.16 17.85 6.65
C ARG C 104 2.29 18.11 5.46
N ALA C 105 1.32 19.03 5.61
CA ALA C 105 0.30 19.26 4.60
C ALA C 105 0.84 20.22 3.55
N ALA C 106 0.76 19.82 2.29
CA ALA C 106 1.09 20.69 1.18
C ALA C 106 -0.07 21.56 0.73
N ASP C 107 -1.30 21.14 0.97
CA ASP C 107 -2.46 21.88 0.49
C ASP C 107 -3.55 21.76 1.55
N PHE C 108 -4.79 22.01 1.16
CA PHE C 108 -5.88 22.06 2.10
C PHE C 108 -6.65 20.76 2.18
N PHE C 109 -6.14 19.69 1.57
CA PHE C 109 -6.91 18.44 1.54
C PHE C 109 -6.36 17.43 2.54
N ALA C 110 -7.21 16.45 2.86
CA ALA C 110 -6.78 15.31 3.63
C ALA C 110 -6.06 14.34 2.71
N GLN C 111 -5.38 13.35 3.28
CA GLN C 111 -4.63 12.37 2.49
C GLN C 111 -4.80 10.98 3.08
N ARG C 112 -4.60 9.97 2.22
CA ARG C 112 -4.74 8.57 2.61
C ARG C 112 -3.43 7.86 2.92
N ASP C 113 -2.30 8.35 2.42
CA ASP C 113 -1.03 7.64 2.58
C ASP C 113 0.09 8.67 2.62
N GLU C 114 1.32 8.18 2.46
CA GLU C 114 2.50 9.03 2.50
C GLU C 114 2.65 9.72 3.85
N TYR C 115 2.16 9.08 4.91
CA TYR C 115 2.30 9.65 6.25
C TYR C 115 3.70 9.36 6.77
N ASP C 116 4.44 10.39 7.14
CA ASP C 116 5.79 10.19 7.63
C ASP C 116 5.84 9.78 9.10
N TYR C 117 4.81 10.14 9.91
CA TYR C 117 4.90 10.00 11.35
C TYR C 117 3.77 9.12 11.88
N TRP C 118 4.08 8.30 12.88
CA TRP C 118 3.20 7.23 13.30
C TRP C 118 3.30 7.04 14.81
N GLY C 119 2.14 6.87 15.45
CA GLY C 119 2.08 6.62 16.87
C GLY C 119 2.11 5.13 17.16
N GLN C 120 2.01 4.81 18.46
CA GLN C 120 2.22 3.43 18.90
C GLN C 120 0.94 2.59 18.80
N GLY C 121 -0.21 3.22 18.93
CA GLY C 121 -1.47 2.53 18.79
C GLY C 121 -2.22 2.45 20.12
N THR C 122 -3.52 2.23 19.99
CA THR C 122 -4.40 2.04 21.15
C THR C 122 -5.39 0.94 20.79
N GLN C 123 -5.62 0.02 21.73
CA GLN C 123 -6.44 -1.14 21.46
C GLN C 123 -7.91 -0.77 21.57
N VAL C 124 -8.71 -1.28 20.64
CA VAL C 124 -10.16 -1.11 20.66
C VAL C 124 -10.78 -2.48 20.44
N THR C 125 -11.56 -2.93 21.41
CA THR C 125 -12.15 -4.27 21.41
C THR C 125 -13.66 -4.11 21.49
N VAL C 126 -14.38 -4.68 20.52
CA VAL C 126 -15.81 -4.50 20.36
C VAL C 126 -16.49 -5.86 20.60
N SER C 127 -17.23 -5.96 21.70
CA SER C 127 -17.98 -7.16 22.01
C SER C 127 -19.14 -7.34 21.02
N GLY C 128 -19.88 -8.44 21.19
CA GLY C 128 -21.00 -8.77 20.35
C GLY C 128 -22.36 -8.52 20.96
N LEU C 129 -22.42 -7.84 22.11
CA LEU C 129 -23.67 -7.55 22.81
C LEU C 129 -24.03 -6.07 22.69
N GLU C 130 -25.33 -5.77 22.71
CA GLU C 130 -25.76 -4.38 22.78
C GLU C 130 -25.47 -3.80 24.17
N SER D 3 -17.09 -1.18 -0.97
CA SER D 3 -16.95 -2.35 -0.09
C SER D 3 -18.29 -3.06 0.01
N LYS D 4 -19.18 -2.48 0.82
CA LYS D 4 -20.56 -2.92 0.79
C LYS D 4 -21.18 -2.62 -0.56
N GLY D 5 -20.82 -1.46 -1.14
CA GLY D 5 -21.26 -1.13 -2.48
C GLY D 5 -20.74 -2.11 -3.52
N GLU D 6 -19.42 -2.35 -3.52
CA GLU D 6 -18.86 -3.35 -4.43
C GLU D 6 -19.57 -4.70 -4.29
N GLU D 7 -19.96 -5.08 -3.07
CA GLU D 7 -20.55 -6.40 -2.88
C GLU D 7 -21.86 -6.57 -3.65
N LEU D 8 -22.58 -5.47 -3.91
CA LEU D 8 -23.80 -5.47 -4.71
C LEU D 8 -23.60 -5.88 -6.16
N PHE D 9 -22.36 -6.02 -6.62
CA PHE D 9 -22.06 -6.25 -8.02
C PHE D 9 -21.37 -7.59 -8.24
N THR D 10 -21.41 -8.48 -7.25
CA THR D 10 -20.70 -9.75 -7.38
C THR D 10 -21.35 -10.69 -8.37
N GLY D 11 -22.64 -10.50 -8.64
CA GLY D 11 -23.32 -11.31 -9.62
C GLY D 11 -23.97 -10.50 -10.71
N VAL D 12 -24.94 -11.11 -11.40
CA VAL D 12 -25.69 -10.45 -12.45
C VAL D 12 -26.76 -9.56 -11.82
N VAL D 13 -26.80 -8.29 -12.25
CA VAL D 13 -27.67 -7.29 -11.65
C VAL D 13 -28.66 -6.79 -12.72
N PRO D 14 -29.96 -6.75 -12.45
CA PRO D 14 -30.89 -6.18 -13.43
C PRO D 14 -30.75 -4.67 -13.53
N ILE D 15 -31.01 -4.16 -14.73
CA ILE D 15 -30.87 -2.75 -15.04
C ILE D 15 -32.17 -2.25 -15.67
N LEU D 16 -32.54 -1.02 -15.33
CA LEU D 16 -33.60 -0.31 -16.04
C LEU D 16 -33.06 1.06 -16.42
N VAL D 17 -33.45 1.53 -17.58
CA VAL D 17 -33.03 2.85 -18.04
C VAL D 17 -34.25 3.60 -18.52
N GLU D 18 -34.30 4.90 -18.25
CA GLU D 18 -35.40 5.72 -18.68
C GLU D 18 -34.82 7.05 -19.13
N LEU D 19 -35.17 7.48 -20.32
CA LEU D 19 -34.67 8.75 -20.82
C LEU D 19 -35.84 9.59 -21.32
N ASP D 20 -35.87 10.84 -20.88
CA ASP D 20 -36.69 11.89 -21.43
C ASP D 20 -35.82 12.86 -22.20
N GLY D 21 -36.14 13.10 -23.46
CA GLY D 21 -35.27 13.87 -24.32
C GLY D 21 -35.98 14.93 -25.13
N ASP D 22 -35.23 15.95 -25.46
CA ASP D 22 -35.72 17.00 -26.35
C ASP D 22 -34.53 17.54 -27.12
N VAL D 23 -34.54 17.34 -28.43
CA VAL D 23 -33.47 17.82 -29.31
C VAL D 23 -34.10 18.72 -30.37
N ASN D 24 -33.65 19.97 -30.45
CA ASN D 24 -34.15 20.95 -31.41
C ASN D 24 -35.67 21.06 -31.35
N GLY D 25 -36.24 20.75 -30.19
CA GLY D 25 -37.68 20.77 -30.01
C GLY D 25 -38.36 19.44 -30.21
N HIS D 26 -37.67 18.43 -30.74
CA HIS D 26 -38.29 17.13 -30.97
C HIS D 26 -38.22 16.35 -29.67
N LYS D 27 -39.37 16.16 -29.03
CA LYS D 27 -39.46 15.40 -27.79
C LYS D 27 -39.56 13.89 -28.05
N PHE D 28 -38.95 13.11 -27.15
CA PHE D 28 -38.97 11.67 -27.30
C PHE D 28 -38.68 11.01 -25.96
N SER D 29 -39.01 9.73 -25.88
CA SER D 29 -38.76 8.97 -24.66
C SER D 29 -38.26 7.57 -24.99
N VAL D 30 -37.33 7.08 -24.18
CA VAL D 30 -36.77 5.75 -24.40
C VAL D 30 -36.83 5.00 -23.09
N SER D 31 -37.18 3.74 -23.17
CA SER D 31 -37.08 2.83 -22.04
C SER D 31 -36.12 1.71 -22.39
N GLY D 32 -35.31 1.31 -21.41
CA GLY D 32 -34.40 0.20 -21.57
C GLY D 32 -34.42 -0.75 -20.40
N GLU D 33 -34.03 -1.99 -20.69
CA GLU D 33 -33.87 -3.02 -19.68
C GLU D 33 -32.72 -3.93 -20.10
N GLY D 34 -32.14 -4.59 -19.11
CA GLY D 34 -31.07 -5.56 -19.35
C GLY D 34 -30.40 -5.96 -18.06
N GLU D 35 -29.15 -6.38 -18.17
CA GLU D 35 -28.42 -6.78 -16.98
C GLU D 35 -26.93 -6.49 -17.17
N GLY D 36 -26.27 -6.34 -16.03
CA GLY D 36 -24.84 -6.12 -16.00
C GLY D 36 -24.16 -7.14 -15.12
N ASP D 37 -22.94 -7.51 -15.52
CA ASP D 37 -22.12 -8.47 -14.80
C ASP D 37 -20.74 -7.83 -14.67
N ALA D 38 -20.50 -7.14 -13.56
CA ALA D 38 -19.27 -6.39 -13.36
C ALA D 38 -18.07 -7.30 -13.14
N THR D 39 -18.29 -8.54 -12.75
CA THR D 39 -17.20 -9.50 -12.67
C THR D 39 -16.51 -9.62 -14.01
N TYR D 40 -17.29 -9.54 -15.10
CA TYR D 40 -16.75 -9.60 -16.45
C TYR D 40 -16.64 -8.25 -17.12
N GLY D 41 -17.23 -7.19 -16.57
CA GLY D 41 -17.25 -5.91 -17.25
C GLY D 41 -18.25 -5.84 -18.37
N LYS D 42 -19.35 -6.57 -18.26
CA LYS D 42 -20.25 -6.84 -19.38
C LYS D 42 -21.63 -6.29 -19.06
N LEU D 43 -22.21 -5.59 -20.02
CA LEU D 43 -23.54 -5.00 -19.99
C LEU D 43 -24.31 -5.42 -21.24
N THR D 44 -25.60 -5.74 -21.08
CA THR D 44 -26.47 -6.09 -22.21
C THR D 44 -27.82 -5.42 -21.98
N LEU D 45 -28.23 -4.55 -22.91
CA LEU D 45 -29.41 -3.74 -22.74
C LEU D 45 -30.21 -3.72 -24.03
N LYS D 46 -31.52 -3.50 -23.91
CA LYS D 46 -32.40 -3.32 -25.06
C LYS D 46 -33.21 -2.05 -24.83
N PHE D 47 -33.24 -1.15 -25.81
CA PHE D 47 -33.92 0.13 -25.71
C PHE D 47 -35.04 0.20 -26.75
N ILE D 48 -36.17 0.77 -26.33
CA ILE D 48 -37.31 1.02 -27.22
C ILE D 48 -37.68 2.49 -27.13
N CYS D 49 -37.82 3.14 -28.27
CA CYS D 49 -38.33 4.49 -28.29
C CYS D 49 -39.84 4.34 -28.13
N THR D 50 -40.37 4.75 -27.02
CA THR D 50 -41.78 4.50 -26.71
C THR D 50 -42.69 5.59 -27.25
N THR D 51 -42.11 6.60 -27.89
CA THR D 51 -42.85 7.71 -28.46
C THR D 51 -42.88 7.66 -29.99
N GLY D 52 -42.39 6.59 -30.61
CA GLY D 52 -42.40 6.50 -32.05
C GLY D 52 -41.02 6.36 -32.67
N LYS D 53 -40.75 7.18 -33.68
CA LYS D 53 -39.46 7.19 -34.34
C LYS D 53 -38.49 8.04 -33.51
N LEU D 54 -37.33 7.49 -33.21
CA LEU D 54 -36.30 8.29 -32.55
C LEU D 54 -35.85 9.38 -33.50
N PRO D 55 -35.85 10.66 -33.09
CA PRO D 55 -35.44 11.76 -33.97
C PRO D 55 -33.94 11.96 -34.09
N VAL D 56 -33.14 11.18 -33.38
CA VAL D 56 -31.68 11.20 -33.55
C VAL D 56 -31.22 9.78 -33.76
N PRO D 57 -30.01 9.59 -34.26
CA PRO D 57 -29.50 8.24 -34.48
C PRO D 57 -29.17 7.56 -33.17
N TRP D 58 -29.46 6.28 -33.12
CA TRP D 58 -29.27 5.53 -31.89
C TRP D 58 -27.82 5.61 -31.41
N PRO D 59 -26.80 5.54 -32.27
CA PRO D 59 -25.42 5.60 -31.76
C PRO D 59 -25.15 6.89 -30.99
N THR D 60 -25.85 7.98 -31.28
CA THR D 60 -25.56 9.18 -30.53
C THR D 60 -26.00 9.11 -29.07
N LEU D 61 -26.77 8.10 -28.66
CA LEU D 61 -27.22 8.01 -27.27
C LEU D 61 -26.57 6.88 -26.49
N VAL D 62 -25.66 6.12 -27.12
CA VAL D 62 -25.04 4.98 -26.44
C VAL D 62 -24.36 5.44 -25.16
N THR D 63 -23.59 6.52 -25.22
CA THR D 63 -22.87 6.90 -23.99
C THR D 63 -23.85 7.37 -22.91
N THR D 64 -24.98 7.95 -23.30
CA THR D 64 -25.96 8.45 -22.33
C THR D 64 -26.65 7.29 -21.63
N PHE D 65 -26.99 6.25 -22.38
CA PHE D 65 -27.65 5.07 -21.83
C PHE D 65 -26.71 4.28 -20.94
N VAL D 67 -23.84 3.34 -17.46
CA VAL D 67 -23.83 2.79 -16.08
C VAL D 67 -22.42 2.23 -15.76
N GLN D 68 -21.46 3.13 -15.63
CA GLN D 68 -20.06 2.71 -15.52
C GLN D 68 -19.76 2.00 -14.20
N CYS D 69 -20.75 1.82 -13.32
CA CYS D 69 -20.58 0.94 -12.17
C CYS D 69 -20.42 -0.52 -12.58
N PHE D 70 -20.75 -0.88 -13.82
CA PHE D 70 -20.54 -2.26 -14.30
C PHE D 70 -19.17 -2.48 -14.93
N ALA D 71 -18.28 -1.50 -14.89
CA ALA D 71 -16.92 -1.76 -15.36
C ALA D 71 -16.24 -2.84 -14.51
N ARG D 72 -15.40 -3.66 -15.13
CA ARG D 72 -14.54 -4.55 -14.37
C ARG D 72 -13.29 -3.81 -13.92
N TYR D 73 -13.13 -3.65 -12.59
CA TYR D 73 -11.87 -3.11 -12.06
C TYR D 73 -10.98 -4.27 -11.66
N PRO D 74 -9.79 -4.40 -12.25
CA PRO D 74 -8.86 -5.46 -11.79
C PRO D 74 -8.58 -5.33 -10.31
N ASP D 75 -8.13 -6.44 -9.71
CA ASP D 75 -7.92 -6.47 -8.26
C ASP D 75 -7.03 -5.34 -7.78
N HIS D 76 -5.93 -5.06 -8.49
CA HIS D 76 -4.99 -4.03 -8.03
C HIS D 76 -5.54 -2.62 -8.17
N MET D 77 -6.64 -2.43 -8.88
CA MET D 77 -7.21 -1.10 -9.11
C MET D 77 -8.53 -0.87 -8.38
N LYS D 78 -8.99 -1.86 -7.61
CA LYS D 78 -10.33 -1.79 -7.04
C LYS D 78 -10.50 -0.58 -6.13
N GLN D 79 -9.42 -0.11 -5.49
CA GLN D 79 -9.47 1.09 -4.67
C GLN D 79 -9.75 2.35 -5.47
N HIS D 80 -9.77 2.28 -6.81
CA HIS D 80 -9.99 3.44 -7.66
C HIS D 80 -11.38 3.44 -8.31
N ASP D 81 -12.30 2.58 -7.86
CA ASP D 81 -13.66 2.45 -8.42
C ASP D 81 -14.61 3.36 -7.65
N PHE D 82 -14.69 4.61 -8.10
CA PHE D 82 -15.66 5.56 -7.54
C PHE D 82 -17.09 5.03 -7.66
N PHE D 83 -17.44 4.43 -8.80
CA PHE D 83 -18.85 4.23 -9.15
C PHE D 83 -19.52 3.23 -8.22
N LYS D 84 -18.85 2.11 -7.94
CA LYS D 84 -19.47 1.11 -7.09
C LYS D 84 -19.53 1.57 -5.65
N SER D 85 -18.53 2.34 -5.20
CA SER D 85 -18.51 2.75 -3.79
C SER D 85 -19.75 3.56 -3.45
N ALA D 86 -20.22 4.37 -4.40
CA ALA D 86 -21.32 5.29 -4.15
C ALA D 86 -22.66 4.58 -4.04
N MET D 87 -22.72 3.26 -4.30
CA MET D 87 -23.97 2.50 -4.24
C MET D 87 -24.21 1.95 -2.82
N PRO D 88 -25.49 1.69 -2.45
CA PRO D 88 -26.70 1.77 -3.28
C PRO D 88 -27.33 3.15 -3.45
N GLU D 89 -26.80 4.16 -2.74
CA GLU D 89 -27.38 5.50 -2.81
C GLU D 89 -27.19 6.13 -4.17
N GLY D 90 -26.03 5.89 -4.82
CA GLY D 90 -25.82 6.21 -6.23
C GLY D 90 -25.06 7.49 -6.44
N TYR D 91 -25.07 7.93 -7.70
CA TYR D 91 -24.37 9.14 -8.11
C TYR D 91 -25.15 9.87 -9.17
N VAL D 92 -24.82 11.14 -9.31
CA VAL D 92 -25.33 11.97 -10.39
C VAL D 92 -24.25 12.06 -11.45
N GLN D 93 -24.61 11.75 -12.71
CA GLN D 93 -23.72 11.90 -13.87
C GLN D 93 -24.25 13.03 -14.75
N GLU D 94 -23.40 14.01 -15.05
CA GLU D 94 -23.68 15.13 -15.95
C GLU D 94 -22.69 15.19 -17.10
N ARG D 95 -23.22 15.43 -18.30
CA ARG D 95 -22.39 15.59 -19.47
C ARG D 95 -22.81 16.78 -20.29
N THR D 96 -21.84 17.33 -20.96
CA THR D 96 -22.01 18.05 -22.21
C THR D 96 -21.30 17.25 -23.30
N ILE D 97 -21.97 17.09 -24.43
CA ILE D 97 -21.47 16.36 -25.59
C ILE D 97 -21.53 17.30 -26.78
N PHE D 98 -20.36 17.69 -27.29
CA PHE D 98 -20.25 18.56 -28.46
C PHE D 98 -20.00 17.74 -29.73
N PHE D 99 -20.96 17.76 -30.65
CA PHE D 99 -20.81 17.17 -31.97
C PHE D 99 -20.12 18.18 -32.87
N LYS D 100 -18.89 17.88 -33.31
CA LYS D 100 -18.13 18.88 -34.06
C LYS D 100 -18.95 19.46 -35.20
N ASP D 101 -18.88 20.77 -35.36
CA ASP D 101 -19.59 21.50 -36.42
C ASP D 101 -21.09 21.19 -36.43
N ASP D 102 -21.64 20.83 -35.28
CA ASP D 102 -23.08 20.60 -35.15
C ASP D 102 -23.45 21.01 -33.72
N GLY D 103 -24.56 20.44 -33.20
CA GLY D 103 -25.12 20.82 -31.93
C GLY D 103 -24.60 19.98 -30.78
N ASN D 104 -25.22 20.17 -29.61
CA ASN D 104 -24.70 19.55 -28.39
C ASN D 104 -25.82 18.98 -27.55
N TYR D 105 -25.48 17.92 -26.83
CA TYR D 105 -26.35 17.34 -25.82
C TYR D 105 -25.88 17.78 -24.44
N LYS D 106 -26.82 18.07 -23.56
CA LYS D 106 -26.57 18.21 -22.13
C LYS D 106 -27.44 17.18 -21.44
N THR D 107 -26.85 16.42 -20.57
CA THR D 107 -27.55 15.34 -19.88
C THR D 107 -27.32 15.41 -18.38
N ARG D 108 -28.34 15.00 -17.64
CA ARG D 108 -28.23 14.81 -16.21
C ARG D 108 -28.88 13.48 -15.89
N ALA D 109 -28.15 12.59 -15.25
CA ALA D 109 -28.65 11.28 -14.90
C ALA D 109 -28.43 10.99 -13.43
N GLU D 110 -29.37 10.27 -12.82
CA GLU D 110 -29.16 9.65 -11.51
C GLU D 110 -29.07 8.16 -11.69
N VAL D 111 -28.02 7.58 -11.14
CA VAL D 111 -27.72 6.16 -11.23
C VAL D 111 -27.71 5.66 -9.81
N LYS D 112 -28.65 4.79 -9.47
CA LYS D 112 -28.78 4.32 -8.09
C LYS D 112 -29.56 3.02 -8.10
N PHE D 113 -29.57 2.35 -6.96
CA PHE D 113 -30.35 1.12 -6.84
C PHE D 113 -31.74 1.51 -6.37
N GLU D 114 -32.76 0.96 -7.00
CA GLU D 114 -34.16 0.98 -6.53
C GLU D 114 -34.45 -0.49 -6.27
N GLY D 115 -34.35 -0.92 -5.01
CA GLY D 115 -34.52 -2.34 -4.74
C GLY D 115 -33.31 -3.12 -5.19
N ASP D 116 -33.54 -4.27 -5.81
CA ASP D 116 -32.46 -5.08 -6.35
C ASP D 116 -32.08 -4.68 -7.79
N THR D 117 -32.52 -3.52 -8.27
CA THR D 117 -32.37 -3.11 -9.66
C THR D 117 -31.56 -1.83 -9.73
N LEU D 118 -30.51 -1.86 -10.55
CA LEU D 118 -29.75 -0.66 -10.86
C LEU D 118 -30.50 0.14 -11.91
N VAL D 119 -30.81 1.40 -11.62
CA VAL D 119 -31.61 2.25 -12.49
C VAL D 119 -30.80 3.47 -12.93
N ASN D 120 -30.85 3.78 -14.22
CA ASN D 120 -30.26 4.98 -14.82
C ASN D 120 -31.41 5.82 -15.35
N ARG D 121 -31.73 6.92 -14.64
CA ARG D 121 -32.78 7.85 -15.04
C ARG D 121 -32.17 9.15 -15.55
N ILE D 122 -32.51 9.51 -16.78
CA ILE D 122 -31.79 10.53 -17.53
C ILE D 122 -32.73 11.58 -18.10
N GLU D 123 -32.26 12.81 -18.20
CA GLU D 123 -32.90 13.87 -18.95
C GLU D 123 -31.87 14.50 -19.88
N LEU D 124 -32.28 14.71 -21.12
CA LEU D 124 -31.39 15.14 -22.19
C LEU D 124 -32.02 16.29 -22.91
N LYS D 125 -31.23 17.33 -23.15
CA LYS D 125 -31.63 18.47 -23.97
C LYS D 125 -30.56 18.71 -25.03
N GLY D 126 -30.98 18.81 -26.27
CA GLY D 126 -30.05 19.03 -27.37
C GLY D 126 -30.48 20.23 -28.18
N ILE D 127 -29.48 21.03 -28.56
CA ILE D 127 -29.71 22.32 -29.22
C ILE D 127 -28.64 22.55 -30.28
N ASP D 128 -28.97 23.46 -31.20
CA ASP D 128 -28.08 23.96 -32.25
C ASP D 128 -27.72 22.93 -33.31
N PHE D 129 -28.55 21.90 -33.50
CA PHE D 129 -28.27 20.90 -34.52
C PHE D 129 -28.73 21.39 -35.89
N LYS D 130 -28.02 20.95 -36.92
CA LYS D 130 -28.41 21.21 -38.30
C LYS D 130 -29.47 20.20 -38.72
N GLU D 131 -30.56 20.69 -39.34
CA GLU D 131 -31.64 19.79 -39.73
C GLU D 131 -31.20 18.81 -40.81
N ASP D 132 -30.21 19.17 -41.61
CA ASP D 132 -29.69 18.29 -42.64
C ASP D 132 -28.28 17.79 -42.32
N GLY D 133 -27.79 18.01 -41.10
CA GLY D 133 -26.48 17.52 -40.71
C GLY D 133 -26.51 16.03 -40.41
N ASN D 134 -25.38 15.53 -39.90
CA ASN D 134 -25.25 14.09 -39.71
C ASN D 134 -26.22 13.53 -38.67
N ILE D 135 -26.65 14.35 -37.72
CA ILE D 135 -27.42 13.81 -36.60
C ILE D 135 -28.92 13.79 -36.94
N LEU D 136 -29.51 14.96 -37.13
CA LEU D 136 -30.94 15.01 -37.48
C LEU D 136 -31.21 14.44 -38.88
N GLY D 137 -30.23 14.42 -39.76
CA GLY D 137 -30.30 13.79 -41.06
C GLY D 137 -30.04 12.30 -41.10
N HIS D 138 -29.66 11.69 -39.98
CA HIS D 138 -29.55 10.24 -39.86
C HIS D 138 -28.52 9.68 -40.83
N LYS D 139 -27.29 10.21 -40.75
CA LYS D 139 -26.19 9.80 -41.61
C LYS D 139 -25.16 8.96 -40.87
N LEU D 140 -25.47 8.52 -39.64
CA LEU D 140 -24.55 7.71 -38.87
C LEU D 140 -24.74 6.24 -39.21
N GLU D 141 -23.64 5.54 -39.41
CA GLU D 141 -23.70 4.09 -39.47
C GLU D 141 -24.20 3.53 -38.15
N TYR D 142 -24.89 2.41 -38.24
CA TYR D 142 -25.36 1.70 -37.06
C TYR D 142 -24.23 0.80 -36.57
N ASN D 143 -23.26 1.42 -35.88
CA ASN D 143 -22.12 0.68 -35.39
C ASN D 143 -21.42 1.55 -34.34
N TYR D 144 -20.34 1.03 -33.78
CA TYR D 144 -19.68 1.71 -32.65
C TYR D 144 -18.22 1.23 -32.58
N ASN D 145 -17.34 2.13 -32.15
CA ASN D 145 -15.91 1.87 -32.07
C ASN D 145 -15.44 1.82 -30.63
N SER D 146 -14.18 1.46 -30.41
CA SER D 146 -13.62 1.38 -29.07
C SER D 146 -13.09 2.73 -28.60
N HIS D 147 -13.25 3.02 -27.30
CA HIS D 147 -12.74 4.29 -26.80
C HIS D 147 -12.17 4.11 -25.42
N ASN D 148 -11.35 5.06 -25.02
CA ASN D 148 -10.79 5.15 -23.68
C ASN D 148 -11.44 6.32 -22.93
N VAL D 149 -12.01 6.02 -21.76
CA VAL D 149 -12.72 7.00 -20.93
C VAL D 149 -11.79 7.41 -19.80
N TYR D 150 -11.25 8.62 -19.89
CA TYR D 150 -10.22 9.10 -18.98
C TYR D 150 -10.88 9.74 -17.76
N ILE D 151 -10.53 9.25 -16.57
CA ILE D 151 -11.14 9.65 -15.31
C ILE D 151 -10.09 10.32 -14.43
N MET D 152 -10.42 11.50 -13.90
CA MET D 152 -9.62 12.09 -12.82
C MET D 152 -10.43 12.47 -11.59
N ALA D 153 -9.78 12.44 -10.43
CA ALA D 153 -10.47 12.92 -9.23
C ALA D 153 -10.71 14.42 -9.35
N ASP D 154 -11.86 14.88 -8.85
CA ASP D 154 -12.14 16.31 -8.72
C ASP D 154 -12.36 16.56 -7.22
N LYS D 155 -11.26 16.82 -6.51
CA LYS D 155 -11.34 16.86 -5.05
C LYS D 155 -12.22 18.03 -4.60
N GLN D 156 -12.12 19.15 -5.29
CA GLN D 156 -12.89 20.33 -4.94
C GLN D 156 -14.41 20.09 -4.99
N LYS D 157 -14.89 19.03 -5.68
CA LYS D 157 -16.31 18.74 -5.80
C LYS D 157 -16.68 17.37 -5.28
N ASN D 158 -15.80 16.70 -4.53
CA ASN D 158 -16.09 15.35 -3.98
C ASN D 158 -16.55 14.36 -5.07
N GLY D 159 -15.93 14.42 -6.24
CA GLY D 159 -16.33 13.54 -7.32
C GLY D 159 -15.22 13.30 -8.32
N ILE D 160 -15.60 12.93 -9.55
CA ILE D 160 -14.68 12.71 -10.65
C ILE D 160 -15.08 13.57 -11.83
N LYS D 161 -14.09 13.89 -12.66
CA LYS D 161 -14.33 14.53 -13.94
C LYS D 161 -13.73 13.61 -14.98
N VAL D 162 -14.37 13.62 -16.13
CA VAL D 162 -14.15 12.60 -17.15
C VAL D 162 -14.16 13.27 -18.51
N ASN D 163 -13.28 12.80 -19.40
CA ASN D 163 -13.24 13.33 -20.75
C ASN D 163 -12.89 12.21 -21.74
N PHE D 164 -13.48 12.32 -22.92
CA PHE D 164 -13.20 11.34 -23.97
C PHE D 164 -13.88 11.81 -25.24
N LYS D 165 -13.44 11.27 -26.36
CA LYS D 165 -13.94 11.70 -27.65
C LYS D 165 -14.43 10.50 -28.45
N ILE D 166 -15.69 10.49 -28.75
CA ILE D 166 -16.29 9.38 -29.50
C ILE D 166 -16.12 9.60 -30.99
N ARG D 167 -15.76 8.51 -31.72
CA ARG D 167 -15.64 8.53 -33.19
C ARG D 167 -16.84 7.84 -33.78
N HIS D 168 -17.74 8.64 -34.42
CA HIS D 168 -18.97 8.11 -35.04
C HIS D 168 -18.75 7.93 -36.54
N ASN D 169 -18.81 6.68 -37.02
CA ASN D 169 -18.59 6.47 -38.46
C ASN D 169 -19.81 6.94 -39.24
N ILE D 170 -19.55 7.64 -40.36
CA ILE D 170 -20.58 8.26 -41.19
C ILE D 170 -20.69 7.51 -42.51
N GLU D 171 -21.90 7.53 -43.06
CA GLU D 171 -22.25 6.68 -44.20
C GLU D 171 -21.44 7.02 -45.45
N ASP D 172 -20.76 8.17 -45.49
CA ASP D 172 -19.89 8.56 -46.59
C ASP D 172 -18.43 8.26 -46.30
N GLY D 173 -18.16 7.43 -45.30
CA GLY D 173 -16.80 7.06 -45.00
C GLY D 173 -16.09 8.04 -44.11
N SER D 174 -16.68 9.18 -43.81
CA SER D 174 -16.07 10.13 -42.90
C SER D 174 -16.33 9.74 -41.43
N VAL D 175 -15.75 10.50 -40.50
CA VAL D 175 -15.90 10.29 -39.08
C VAL D 175 -16.35 11.61 -38.42
N HIS D 176 -17.32 11.50 -37.55
CA HIS D 176 -17.84 12.64 -36.80
C HIS D 176 -17.46 12.49 -35.34
N LEU D 177 -16.70 13.45 -34.82
CA LEU D 177 -16.21 13.40 -33.44
C LEU D 177 -17.17 14.08 -32.49
N ALA D 178 -17.42 13.43 -31.35
CA ALA D 178 -18.31 13.91 -30.28
C ALA D 178 -17.52 14.01 -28.98
N ASP D 179 -17.11 15.25 -28.63
CA ASP D 179 -16.36 15.53 -27.40
C ASP D 179 -17.24 15.45 -26.15
N HIS D 180 -16.89 14.55 -25.25
CA HIS D 180 -17.63 14.33 -24.02
C HIS D 180 -16.93 14.97 -22.81
N TYR D 181 -17.68 15.75 -22.04
CA TYR D 181 -17.24 16.35 -20.77
C TYR D 181 -18.20 15.92 -19.67
N GLN D 182 -17.70 15.15 -18.72
CA GLN D 182 -18.54 14.43 -17.76
C GLN D 182 -18.08 14.73 -16.33
N GLN D 183 -19.06 14.81 -15.40
CA GLN D 183 -18.82 14.91 -13.95
C GLN D 183 -19.72 13.90 -13.27
N ASN D 184 -19.20 13.25 -12.26
CA ASN D 184 -19.99 12.37 -11.42
C ASN D 184 -19.82 12.78 -9.97
N THR D 185 -20.93 12.93 -9.25
CA THR D 185 -20.99 13.39 -7.86
C THR D 185 -21.86 12.42 -7.07
N PRO D 186 -21.42 11.99 -5.89
CA PRO D 186 -22.24 11.06 -5.10
C PRO D 186 -23.58 11.71 -4.75
N ILE D 187 -24.62 10.89 -4.69
CA ILE D 187 -25.92 11.39 -4.22
C ILE D 187 -25.92 11.58 -2.71
N GLY D 188 -25.46 10.57 -1.97
CA GLY D 188 -25.35 10.68 -0.53
C GLY D 188 -24.31 11.72 -0.10
N ASP D 189 -24.45 12.18 1.12
CA ASP D 189 -23.52 13.17 1.63
C ASP D 189 -22.37 12.50 2.36
N GLY D 190 -21.26 13.23 2.46
CA GLY D 190 -20.07 12.72 3.07
C GLY D 190 -18.96 12.52 2.06
N PRO D 191 -17.73 12.90 2.43
CA PRO D 191 -16.63 12.80 1.47
C PRO D 191 -16.20 11.36 1.23
N VAL D 192 -15.99 11.02 -0.04
CA VAL D 192 -15.61 9.67 -0.42
C VAL D 192 -14.17 9.66 -0.88
N LEU D 193 -13.59 8.45 -0.92
CA LEU D 193 -12.26 8.27 -1.48
C LEU D 193 -12.31 8.36 -3.01
N LEU D 194 -11.44 9.17 -3.59
CA LEU D 194 -11.43 9.45 -5.00
C LEU D 194 -10.25 8.77 -5.69
N PRO D 195 -10.39 8.40 -6.95
CA PRO D 195 -9.37 7.57 -7.61
C PRO D 195 -8.17 8.39 -8.08
N ASP D 196 -7.04 7.68 -8.24
CA ASP D 196 -5.96 8.20 -9.07
C ASP D 196 -6.39 8.17 -10.55
N ASN D 197 -5.74 8.99 -11.38
CA ASN D 197 -6.08 9.04 -12.81
C ASN D 197 -5.98 7.65 -13.44
N HIS D 198 -6.99 7.27 -14.22
CA HIS D 198 -7.00 5.98 -14.89
C HIS D 198 -8.00 6.04 -16.05
N TYR D 199 -8.23 4.94 -16.71
CA TYR D 199 -9.22 4.98 -17.78
C TYR D 199 -10.00 3.69 -17.83
N LEU D 200 -11.19 3.77 -18.48
CA LEU D 200 -12.04 2.63 -18.76
C LEU D 200 -11.89 2.32 -20.25
N SER D 201 -11.40 1.12 -20.55
CA SER D 201 -11.37 0.64 -21.91
C SER D 201 -12.78 0.16 -22.25
N THR D 202 -13.44 0.83 -23.22
CA THR D 202 -14.84 0.57 -23.50
C THR D 202 -15.05 0.11 -24.93
N GLN D 203 -15.75 -1.00 -25.09
CA GLN D 203 -16.11 -1.57 -26.37
C GLN D 203 -17.61 -1.75 -26.40
N SER D 204 -18.22 -1.43 -27.53
CA SER D 204 -19.68 -1.40 -27.69
C SER D 204 -20.02 -2.06 -29.02
N ALA D 205 -21.03 -2.89 -29.00
CA ALA D 205 -21.57 -3.51 -30.21
C ALA D 205 -23.08 -3.29 -30.21
N LEU D 206 -23.59 -2.76 -31.32
CA LEU D 206 -24.99 -2.46 -31.52
C LEU D 206 -25.62 -3.48 -32.44
N SER D 207 -26.81 -3.93 -32.11
CA SER D 207 -27.49 -4.88 -33.00
C SER D 207 -28.98 -4.63 -32.91
N LYS D 208 -29.74 -5.39 -33.71
CA LYS D 208 -31.19 -5.30 -33.77
C LYS D 208 -31.79 -6.67 -33.53
N ASP D 209 -33.00 -6.69 -32.97
CA ASP D 209 -33.81 -7.90 -32.97
C ASP D 209 -34.61 -7.93 -34.28
N PRO D 210 -34.40 -8.92 -35.14
CA PRO D 210 -35.03 -8.85 -36.47
C PRO D 210 -36.55 -8.99 -36.44
N ASN D 211 -37.11 -9.60 -35.40
CA ASN D 211 -38.56 -9.64 -35.29
C ASN D 211 -39.16 -8.37 -34.67
N GLU D 212 -38.34 -7.52 -34.06
CA GLU D 212 -38.84 -6.33 -33.38
C GLU D 212 -39.15 -5.22 -34.38
N LYS D 213 -40.40 -4.78 -34.42
CA LYS D 213 -40.85 -3.76 -35.35
C LYS D 213 -40.76 -2.33 -34.81
N ARG D 214 -40.69 -2.15 -33.51
CA ARG D 214 -40.50 -0.81 -32.97
C ARG D 214 -39.07 -0.33 -33.18
N ASP D 215 -38.88 1.01 -33.15
CA ASP D 215 -37.56 1.59 -33.25
C ASP D 215 -36.79 1.20 -31.99
N HIS D 216 -35.62 0.59 -32.15
CA HIS D 216 -34.96 0.01 -31.01
C HIS D 216 -33.46 -0.17 -31.25
N MET D 217 -32.74 -0.38 -30.14
CA MET D 217 -31.33 -0.72 -30.15
C MET D 217 -31.07 -1.83 -29.13
N VAL D 218 -30.26 -2.81 -29.55
CA VAL D 218 -29.68 -3.79 -28.63
C VAL D 218 -28.21 -3.40 -28.47
N LEU D 219 -27.77 -3.23 -27.25
CA LEU D 219 -26.44 -2.73 -26.94
C LEU D 219 -25.71 -3.75 -26.08
N LEU D 220 -24.54 -4.16 -26.50
CA LEU D 220 -23.64 -4.93 -25.65
C LEU D 220 -22.38 -4.08 -25.41
N GLU D 221 -21.96 -3.99 -24.16
CA GLU D 221 -20.78 -3.23 -23.76
C GLU D 221 -19.82 -4.13 -23.01
N PHE D 222 -18.53 -3.90 -23.22
CA PHE D 222 -17.50 -4.52 -22.41
C PHE D 222 -16.60 -3.41 -21.91
N VAL D 223 -16.40 -3.34 -20.60
CA VAL D 223 -15.75 -2.20 -19.96
C VAL D 223 -14.78 -2.75 -18.93
N THR D 224 -13.49 -2.43 -19.08
CA THR D 224 -12.47 -2.81 -18.12
C THR D 224 -11.59 -1.61 -17.80
N ALA D 225 -11.35 -1.38 -16.52
CA ALA D 225 -10.49 -0.31 -16.08
C ALA D 225 -9.03 -0.69 -16.33
N ALA D 226 -8.22 0.31 -16.63
CA ALA D 226 -6.82 0.11 -16.98
C ALA D 226 -6.11 1.42 -16.69
N GLY D 227 -4.78 1.39 -16.85
CA GLY D 227 -3.99 2.62 -16.84
C GLY D 227 -3.17 2.89 -15.60
N ILE D 228 -3.14 1.97 -14.65
CA ILE D 228 -2.33 2.00 -13.44
C ILE D 228 -1.46 0.74 -13.47
N THR D 229 -0.26 0.85 -12.89
CA THR D 229 0.73 -0.22 -12.99
C THR D 229 0.31 -1.50 -12.28
N HIS D 230 0.64 -2.64 -12.89
CA HIS D 230 0.37 -3.97 -12.33
C HIS D 230 1.67 -4.68 -11.91
N LYS E 4 5.64 -14.72 34.78
CA LYS E 4 5.01 -13.49 34.31
C LYS E 4 3.52 -13.70 33.99
N GLY E 5 3.20 -14.76 33.24
CA GLY E 5 1.80 -15.02 32.88
C GLY E 5 0.88 -15.02 34.09
N GLU E 6 1.31 -15.67 35.17
CA GLU E 6 0.64 -15.61 36.47
C GLU E 6 0.16 -14.21 36.82
N GLU E 7 1.06 -13.22 36.75
CA GLU E 7 0.78 -11.86 37.20
C GLU E 7 -0.34 -11.18 36.40
N LEU E 8 -0.65 -11.67 35.19
CA LEU E 8 -1.72 -11.09 34.40
C LEU E 8 -3.11 -11.40 34.99
N PHE E 9 -3.19 -12.28 36.00
CA PHE E 9 -4.48 -12.73 36.52
C PHE E 9 -4.69 -12.40 37.98
N THR E 10 -3.85 -11.55 38.57
CA THR E 10 -3.98 -11.22 39.99
C THR E 10 -5.23 -10.40 40.31
N GLY E 11 -5.80 -9.73 39.32
CA GLY E 11 -7.01 -8.98 39.55
C GLY E 11 -8.17 -9.44 38.67
N VAL E 12 -9.28 -8.71 38.72
CA VAL E 12 -10.42 -9.00 37.84
C VAL E 12 -10.05 -8.66 36.41
N VAL E 13 -10.35 -9.58 35.49
CA VAL E 13 -9.98 -9.44 34.08
C VAL E 13 -11.22 -9.51 33.19
N PRO E 14 -11.35 -8.63 32.20
CA PRO E 14 -12.50 -8.72 31.30
C PRO E 14 -12.35 -9.86 30.31
N ILE E 15 -13.48 -10.49 29.98
CA ILE E 15 -13.49 -11.64 29.10
C ILE E 15 -14.42 -11.37 27.92
N LEU E 16 -14.00 -11.82 26.75
CA LEU E 16 -14.79 -11.78 25.53
C LEU E 16 -14.82 -13.18 24.93
N VAL E 17 -16.01 -13.65 24.55
CA VAL E 17 -16.15 -14.96 23.92
C VAL E 17 -16.87 -14.79 22.59
N GLU E 18 -16.37 -15.46 21.57
CA GLU E 18 -17.03 -15.44 20.27
C GLU E 18 -17.04 -16.85 19.72
N LEU E 19 -18.18 -17.27 19.20
CA LEU E 19 -18.34 -18.64 18.72
C LEU E 19 -19.14 -18.67 17.42
N ASP E 20 -18.64 -19.42 16.46
CA ASP E 20 -19.34 -19.71 15.21
C ASP E 20 -19.55 -21.21 15.19
N GLY E 21 -20.78 -21.63 15.04
CA GLY E 21 -21.10 -23.03 15.15
C GLY E 21 -21.93 -23.51 13.97
N ASP E 22 -21.77 -24.80 13.69
CA ASP E 22 -22.56 -25.51 12.69
C ASP E 22 -22.83 -26.89 13.27
N VAL E 23 -24.09 -27.17 13.59
CA VAL E 23 -24.49 -28.44 14.16
C VAL E 23 -25.52 -29.06 13.24
N ASN E 24 -25.14 -30.14 12.56
CA ASN E 24 -26.01 -30.80 11.59
C ASN E 24 -26.49 -29.80 10.53
N GLY E 25 -25.61 -28.91 10.09
CA GLY E 25 -25.93 -27.92 9.10
C GLY E 25 -26.59 -26.66 9.63
N HIS E 26 -27.25 -26.73 10.79
CA HIS E 26 -27.81 -25.55 11.44
C HIS E 26 -26.69 -24.62 11.90
N LYS E 27 -26.67 -23.40 11.38
CA LYS E 27 -25.60 -22.45 11.67
C LYS E 27 -26.07 -21.47 12.74
N PHE E 28 -25.11 -20.98 13.54
CA PHE E 28 -25.42 -20.03 14.59
C PHE E 28 -24.15 -19.35 15.08
N SER E 29 -24.32 -18.22 15.70
CA SER E 29 -23.21 -17.54 16.31
C SER E 29 -23.65 -17.12 17.70
N VAL E 30 -22.70 -17.14 18.63
CA VAL E 30 -22.91 -16.68 19.99
C VAL E 30 -21.79 -15.71 20.32
N SER E 31 -22.14 -14.64 21.00
CA SER E 31 -21.21 -13.70 21.60
C SER E 31 -21.44 -13.71 23.11
N GLY E 32 -20.35 -13.55 23.86
CA GLY E 32 -20.45 -13.47 25.31
C GLY E 32 -19.43 -12.53 25.91
N GLU E 33 -19.72 -12.08 27.13
CA GLU E 33 -18.86 -11.12 27.80
C GLU E 33 -18.94 -11.36 29.29
N GLY E 34 -17.85 -11.03 29.97
CA GLY E 34 -17.91 -10.91 31.41
C GLY E 34 -16.56 -10.69 32.05
N GLU E 35 -16.28 -11.44 33.12
CA GLU E 35 -15.02 -11.23 33.80
C GLU E 35 -14.62 -12.46 34.60
N GLY E 36 -13.33 -12.61 34.79
CA GLY E 36 -12.79 -13.73 35.55
C GLY E 36 -11.83 -13.25 36.61
N ASP E 37 -11.88 -13.90 37.77
CA ASP E 37 -11.11 -13.55 38.94
C ASP E 37 -10.40 -14.83 39.41
N ALA E 38 -9.19 -15.05 38.90
CA ALA E 38 -8.45 -16.27 39.23
C ALA E 38 -8.11 -16.34 40.71
N THR E 39 -8.04 -15.20 41.42
CA THR E 39 -7.71 -15.25 42.84
C THR E 39 -8.72 -16.09 43.61
N TYR E 40 -10.00 -16.03 43.23
CA TYR E 40 -11.05 -16.83 43.84
C TYR E 40 -11.45 -18.04 43.01
N GLY E 41 -10.99 -18.09 41.76
CA GLY E 41 -11.40 -19.14 40.87
C GLY E 41 -12.79 -18.91 40.31
N LYS E 42 -13.16 -17.66 40.05
CA LYS E 42 -14.53 -17.26 39.76
C LYS E 42 -14.63 -16.72 38.34
N LEU E 43 -15.67 -17.14 37.64
CA LEU E 43 -15.92 -16.73 36.26
C LEU E 43 -17.37 -16.30 36.17
N THR E 44 -17.61 -15.16 35.53
CA THR E 44 -18.97 -14.63 35.32
C THR E 44 -19.09 -14.24 33.86
N LEU E 45 -20.08 -14.83 33.16
CA LEU E 45 -20.23 -14.68 31.73
C LEU E 45 -21.69 -14.63 31.33
N LYS E 46 -21.98 -13.82 30.32
CA LYS E 46 -23.30 -13.71 29.72
C LYS E 46 -23.16 -13.91 28.22
N PHE E 47 -24.06 -14.73 27.66
CA PHE E 47 -24.04 -15.13 26.28
C PHE E 47 -25.38 -14.85 25.63
N ILE E 48 -25.37 -14.31 24.41
CA ILE E 48 -26.60 -14.18 23.62
C ILE E 48 -26.33 -14.82 22.28
N CYS E 49 -27.37 -15.45 21.71
CA CYS E 49 -27.28 -15.96 20.34
C CYS E 49 -27.60 -14.83 19.38
N THR E 50 -26.68 -14.53 18.45
CA THR E 50 -26.84 -13.40 17.55
C THR E 50 -27.59 -13.75 16.27
N THR E 51 -27.72 -15.03 15.94
CA THR E 51 -28.46 -15.50 14.78
C THR E 51 -29.92 -15.83 15.09
N GLY E 52 -30.42 -15.50 16.29
CA GLY E 52 -31.78 -15.80 16.65
C GLY E 52 -31.91 -16.73 17.86
N LYS E 53 -32.61 -17.84 17.69
CA LYS E 53 -32.68 -18.84 18.76
C LYS E 53 -31.63 -19.92 18.53
N LEU E 54 -31.09 -20.43 19.63
CA LEU E 54 -29.99 -21.39 19.56
C LEU E 54 -30.53 -22.76 19.20
N PRO E 55 -29.92 -23.44 18.23
CA PRO E 55 -30.44 -24.73 17.76
C PRO E 55 -30.01 -25.95 18.57
N VAL E 56 -29.24 -25.75 19.63
CA VAL E 56 -28.89 -26.79 20.60
C VAL E 56 -29.11 -26.22 22.00
N PRO E 57 -29.21 -27.08 23.01
CA PRO E 57 -29.41 -26.57 24.38
C PRO E 57 -28.19 -25.82 24.90
N TRP E 58 -28.45 -24.69 25.56
CA TRP E 58 -27.37 -23.91 26.16
C TRP E 58 -26.41 -24.74 27.00
N PRO E 59 -26.86 -25.65 27.86
CA PRO E 59 -25.89 -26.37 28.71
C PRO E 59 -24.90 -27.21 27.90
N THR E 60 -25.19 -27.56 26.64
CA THR E 60 -24.20 -28.34 25.88
C THR E 60 -23.03 -27.49 25.42
N LEU E 61 -23.14 -26.18 25.52
CA LEU E 61 -22.08 -25.25 25.13
C LEU E 61 -21.27 -24.70 26.30
N VAL E 62 -21.66 -25.01 27.53
CA VAL E 62 -21.00 -24.43 28.71
C VAL E 62 -19.50 -24.70 28.70
N THR E 63 -19.09 -25.94 28.43
CA THR E 63 -17.66 -26.23 28.49
C THR E 63 -16.89 -25.54 27.36
N THR E 64 -17.55 -25.37 26.19
CA THR E 64 -16.91 -24.69 25.07
C THR E 64 -16.69 -23.22 25.39
N PHE E 65 -17.69 -22.57 25.94
CA PHE E 65 -17.60 -21.17 26.31
C PHE E 65 -16.59 -20.97 27.42
N VAL E 67 -12.37 -21.05 29.48
CA VAL E 67 -11.20 -20.22 29.82
C VAL E 67 -10.54 -20.69 31.13
N GLN E 68 -9.92 -21.86 31.08
CA GLN E 68 -9.47 -22.51 32.31
C GLN E 68 -8.26 -21.82 32.94
N CYS E 69 -7.72 -20.80 32.27
CA CYS E 69 -6.76 -19.88 32.89
C CYS E 69 -7.33 -19.12 34.07
N PHE E 70 -8.65 -19.13 34.28
CA PHE E 70 -9.20 -18.45 35.47
C PHE E 70 -9.37 -19.39 36.66
N ALA E 71 -8.88 -20.60 36.57
CA ALA E 71 -8.89 -21.48 37.73
C ALA E 71 -8.01 -20.95 38.86
N ARG E 72 -8.41 -21.25 40.07
CA ARG E 72 -7.58 -20.95 41.24
C ARG E 72 -6.63 -22.13 41.50
N TYR E 73 -5.36 -21.91 41.27
CA TYR E 73 -4.34 -22.88 41.62
C TYR E 73 -3.81 -22.55 43.02
N PRO E 74 -3.95 -23.44 44.00
CA PRO E 74 -3.41 -23.14 45.34
C PRO E 74 -1.90 -22.94 45.27
N ASP E 75 -1.36 -22.31 46.33
CA ASP E 75 0.04 -21.91 46.32
C ASP E 75 0.95 -23.10 46.02
N HIS E 76 0.67 -24.25 46.66
CA HIS E 76 1.51 -25.43 46.50
C HIS E 76 1.37 -26.11 45.14
N MET E 77 0.51 -25.61 44.25
CA MET E 77 0.36 -26.21 42.93
C MET E 77 0.68 -25.23 41.81
N LYS E 78 1.22 -24.06 42.14
CA LYS E 78 1.34 -23.05 41.10
C LYS E 78 2.27 -23.48 39.97
N GLN E 79 3.14 -24.46 40.23
CA GLN E 79 4.04 -24.97 39.21
C GLN E 79 3.32 -25.81 38.18
N HIS E 80 2.03 -26.04 38.35
CA HIS E 80 1.28 -26.96 37.50
C HIS E 80 0.19 -26.29 36.68
N ASP E 81 0.17 -24.96 36.64
CA ASP E 81 -0.82 -24.16 35.93
C ASP E 81 -0.28 -23.79 34.55
N PHE E 82 -0.38 -24.76 33.64
CA PHE E 82 -0.08 -24.53 32.23
C PHE E 82 -0.82 -23.33 31.67
N PHE E 83 -2.10 -23.18 32.04
CA PHE E 83 -2.96 -22.23 31.34
C PHE E 83 -2.41 -20.82 31.43
N LYS E 84 -2.07 -20.36 32.63
CA LYS E 84 -1.58 -19.00 32.81
C LYS E 84 -0.15 -18.86 32.31
N SER E 85 0.60 -19.95 32.30
CA SER E 85 1.98 -19.96 31.82
C SER E 85 2.09 -19.66 30.33
N ALA E 86 1.04 -19.93 29.55
CA ALA E 86 1.05 -19.68 28.12
C ALA E 86 0.65 -18.26 27.77
N MET E 87 0.26 -17.48 28.71
CA MET E 87 -0.20 -16.11 28.54
C MET E 87 0.99 -15.14 28.51
N PRO E 88 0.86 -13.98 27.83
CA PRO E 88 -0.34 -13.50 27.12
C PRO E 88 -0.49 -14.04 25.70
N GLU E 89 0.55 -14.65 25.15
CA GLU E 89 0.44 -15.19 23.80
C GLU E 89 -0.75 -16.15 23.68
N GLY E 90 -1.03 -16.91 24.73
CA GLY E 90 -2.21 -17.76 24.80
C GLY E 90 -1.98 -19.18 24.31
N TYR E 91 -3.10 -19.90 24.15
CA TYR E 91 -3.08 -21.29 23.73
C TYR E 91 -4.25 -21.58 22.81
N VAL E 92 -4.11 -22.69 22.10
CA VAL E 92 -5.14 -23.24 21.25
C VAL E 92 -5.77 -24.39 22.04
N GLN E 93 -7.09 -24.35 22.22
CA GLN E 93 -7.83 -25.43 22.87
C GLN E 93 -8.65 -26.18 21.82
N GLU E 94 -8.42 -27.48 21.71
CA GLU E 94 -9.16 -28.33 20.78
C GLU E 94 -9.91 -29.41 21.56
N ARG E 95 -11.16 -29.65 21.18
CA ARG E 95 -11.91 -30.71 21.83
C ARG E 95 -12.65 -31.54 20.80
N THR E 96 -12.84 -32.80 21.14
CA THR E 96 -13.98 -33.60 20.69
C THR E 96 -14.88 -33.93 21.89
N ILE E 97 -16.17 -33.63 21.75
CA ILE E 97 -17.19 -33.90 22.77
C ILE E 97 -18.14 -34.93 22.19
N PHE E 98 -18.16 -36.12 22.78
CA PHE E 98 -19.05 -37.19 22.36
C PHE E 98 -20.28 -37.28 23.23
N PHE E 99 -21.45 -37.07 22.62
CA PHE E 99 -22.73 -37.19 23.32
C PHE E 99 -23.15 -38.66 23.15
N LYS E 100 -23.20 -39.39 24.25
CA LYS E 100 -23.40 -40.84 24.19
C LYS E 100 -24.64 -41.16 23.36
N ASP E 101 -24.50 -42.14 22.47
CA ASP E 101 -25.62 -42.56 21.61
C ASP E 101 -26.17 -41.40 20.78
N ASP E 102 -25.33 -40.45 20.40
CA ASP E 102 -25.79 -39.29 19.66
C ASP E 102 -24.57 -38.65 19.01
N GLY E 103 -24.71 -37.41 18.57
CA GLY E 103 -23.65 -36.78 17.82
C GLY E 103 -22.45 -36.39 18.67
N ASN E 104 -21.56 -35.63 18.04
CA ASN E 104 -20.36 -35.16 18.69
C ASN E 104 -20.07 -33.75 18.21
N TYR E 105 -19.47 -32.94 19.08
CA TYR E 105 -18.94 -31.64 18.73
C TYR E 105 -17.44 -31.79 18.51
N LYS E 106 -16.90 -31.02 17.56
CA LYS E 106 -15.47 -30.74 17.51
C LYS E 106 -15.26 -29.25 17.59
N THR E 107 -14.32 -28.82 18.40
CA THR E 107 -14.10 -27.40 18.60
C THR E 107 -12.63 -27.07 18.51
N ARG E 108 -12.36 -25.85 18.06
CA ARG E 108 -11.02 -25.30 18.07
C ARG E 108 -11.15 -23.86 18.52
N ALA E 109 -10.40 -23.52 19.55
CA ALA E 109 -10.48 -22.19 20.11
C ALA E 109 -9.08 -21.65 20.36
N GLU E 110 -8.97 -20.33 20.22
CA GLU E 110 -7.75 -19.61 20.54
C GLU E 110 -8.10 -18.73 21.73
N VAL E 111 -7.38 -18.93 22.82
CA VAL E 111 -7.56 -18.16 24.04
C VAL E 111 -6.29 -17.36 24.24
N LYS E 112 -6.41 -16.04 24.36
CA LYS E 112 -5.22 -15.18 24.38
C LYS E 112 -5.66 -13.80 24.80
N PHE E 113 -4.68 -12.97 25.15
CA PHE E 113 -5.01 -11.58 25.45
C PHE E 113 -5.06 -10.75 24.16
N GLU E 114 -6.01 -9.80 24.12
CA GLU E 114 -6.06 -8.71 23.16
C GLU E 114 -6.09 -7.45 24.02
N GLY E 115 -4.97 -6.73 24.06
CA GLY E 115 -4.90 -5.68 25.05
C GLY E 115 -5.15 -6.26 26.42
N ASP E 116 -5.94 -5.54 27.22
CA ASP E 116 -6.24 -5.97 28.58
C ASP E 116 -7.35 -7.04 28.64
N THR E 117 -7.83 -7.52 27.51
CA THR E 117 -9.00 -8.40 27.50
C THR E 117 -8.60 -9.81 27.13
N LEU E 118 -9.02 -10.77 27.95
CA LEU E 118 -8.85 -12.19 27.65
C LEU E 118 -9.94 -12.59 26.68
N VAL E 119 -9.56 -13.23 25.60
CA VAL E 119 -10.48 -13.51 24.50
C VAL E 119 -10.48 -14.99 24.19
N ASN E 120 -11.68 -15.55 23.99
CA ASN E 120 -11.90 -16.94 23.63
C ASN E 120 -12.63 -16.95 22.28
N ARG E 121 -11.93 -17.30 21.21
CA ARG E 121 -12.53 -17.33 19.88
C ARG E 121 -12.65 -18.78 19.42
N ILE E 122 -13.88 -19.19 19.13
CA ILE E 122 -14.21 -20.59 18.96
C ILE E 122 -14.87 -20.84 17.62
N GLU E 123 -14.48 -21.95 17.00
CA GLU E 123 -15.17 -22.55 15.87
C GLU E 123 -15.68 -23.92 16.32
N LEU E 124 -16.97 -24.18 16.13
CA LEU E 124 -17.59 -25.43 16.55
C LEU E 124 -18.31 -26.10 15.38
N LYS E 125 -18.06 -27.40 15.19
CA LYS E 125 -18.78 -28.19 14.22
C LYS E 125 -19.36 -29.42 14.89
N GLY E 126 -20.67 -29.60 14.80
CA GLY E 126 -21.33 -30.80 15.29
C GLY E 126 -21.93 -31.58 14.14
N ILE E 127 -21.78 -32.92 14.21
CA ILE E 127 -22.32 -33.80 13.17
C ILE E 127 -22.92 -35.02 13.84
N ASP E 128 -23.77 -35.73 13.08
CA ASP E 128 -24.31 -37.05 13.41
C ASP E 128 -25.30 -37.01 14.56
N PHE E 129 -25.89 -35.85 14.82
CA PHE E 129 -26.90 -35.75 15.85
C PHE E 129 -28.24 -36.24 15.33
N LYS E 130 -29.00 -36.87 16.23
CA LYS E 130 -30.36 -37.30 15.97
C LYS E 130 -31.30 -36.10 16.05
N GLU E 131 -32.03 -35.84 14.97
CA GLU E 131 -32.88 -34.66 14.92
C GLU E 131 -33.92 -34.65 16.04
N ASP E 132 -34.29 -35.82 16.56
CA ASP E 132 -35.28 -35.91 17.62
C ASP E 132 -34.69 -36.40 18.95
N GLY E 133 -33.37 -36.42 19.08
CA GLY E 133 -32.72 -36.80 20.32
C GLY E 133 -32.74 -35.68 21.34
N ASN E 134 -31.92 -35.84 22.41
CA ASN E 134 -31.99 -34.92 23.53
C ASN E 134 -31.40 -33.56 23.20
N ILE E 135 -30.51 -33.48 22.22
CA ILE E 135 -29.78 -32.26 21.92
C ILE E 135 -30.58 -31.46 20.91
N LEU E 136 -30.73 -31.99 19.70
CA LEU E 136 -31.48 -31.23 18.70
C LEU E 136 -32.94 -31.11 19.08
N GLY E 137 -33.47 -32.06 19.87
CA GLY E 137 -34.83 -31.98 20.42
C GLY E 137 -34.99 -31.16 21.68
N HIS E 138 -33.90 -30.59 22.21
CA HIS E 138 -33.98 -29.67 23.35
C HIS E 138 -34.68 -30.35 24.52
N LYS E 139 -34.13 -31.49 24.93
CA LYS E 139 -34.62 -32.21 26.08
C LYS E 139 -33.69 -32.11 27.29
N LEU E 140 -32.72 -31.21 27.29
CA LEU E 140 -31.86 -31.04 28.46
C LEU E 140 -32.47 -30.02 29.42
N GLU E 141 -32.37 -30.29 30.72
CA GLU E 141 -32.71 -29.30 31.72
C GLU E 141 -31.72 -28.14 31.74
N TYR E 142 -32.22 -26.99 32.18
CA TYR E 142 -31.39 -25.78 32.19
C TYR E 142 -30.67 -25.68 33.52
N ASN E 143 -29.57 -26.44 33.60
CA ASN E 143 -28.84 -26.51 34.85
C ASN E 143 -27.53 -27.22 34.58
N TYR E 144 -26.75 -27.39 35.63
CA TYR E 144 -25.40 -27.94 35.49
C TYR E 144 -24.97 -28.57 36.79
N ASN E 145 -24.13 -29.60 36.68
CA ASN E 145 -23.62 -30.33 37.82
C ASN E 145 -22.13 -30.06 38.03
N SER E 146 -21.58 -30.61 39.11
CA SER E 146 -20.16 -30.45 39.40
C SER E 146 -19.35 -31.54 38.71
N HIS E 147 -18.12 -31.21 38.31
CA HIS E 147 -17.31 -32.16 37.56
C HIS E 147 -15.84 -31.93 37.86
N ASN E 148 -15.08 -32.98 37.74
CA ASN E 148 -13.63 -32.90 37.84
C ASN E 148 -13.02 -32.98 36.45
N VAL E 149 -12.10 -32.06 36.17
CA VAL E 149 -11.42 -31.91 34.89
C VAL E 149 -9.99 -32.43 35.06
N TYR E 150 -9.68 -33.59 34.44
CA TYR E 150 -8.43 -34.27 34.71
C TYR E 150 -7.41 -33.84 33.65
N ILE E 151 -6.19 -33.53 34.12
CA ILE E 151 -5.16 -32.89 33.30
C ILE E 151 -3.88 -33.73 33.36
N MET E 152 -3.30 -34.02 32.19
CA MET E 152 -1.96 -34.64 32.12
C MET E 152 -1.09 -33.82 31.18
N ALA E 153 0.23 -33.95 31.34
CA ALA E 153 1.14 -33.31 30.41
C ALA E 153 1.15 -34.04 29.09
N ASP E 154 1.32 -33.28 28.01
CA ASP E 154 1.49 -33.82 26.65
C ASP E 154 2.84 -33.27 26.16
N LYS E 155 3.92 -33.88 26.63
CA LYS E 155 5.26 -33.41 26.28
C LYS E 155 5.46 -33.37 24.77
N GLN E 156 5.13 -34.45 24.07
CA GLN E 156 5.26 -34.50 22.61
C GLN E 156 4.82 -33.20 21.96
N LYS E 157 3.80 -32.53 22.52
CA LYS E 157 3.25 -31.32 21.90
C LYS E 157 3.43 -30.07 22.76
N ASN E 158 4.30 -30.12 23.76
CA ASN E 158 4.58 -28.98 24.63
C ASN E 158 3.30 -28.39 25.24
N GLY E 159 2.37 -29.23 25.63
CA GLY E 159 1.12 -28.76 26.22
C GLY E 159 0.53 -29.76 27.16
N ILE E 160 -0.80 -29.82 27.16
CA ILE E 160 -1.55 -30.70 28.05
C ILE E 160 -2.65 -31.40 27.27
N LYS E 161 -3.06 -32.57 27.77
CA LYS E 161 -4.25 -33.27 27.32
C LYS E 161 -5.18 -33.41 28.52
N VAL E 162 -6.46 -33.45 28.24
CA VAL E 162 -7.49 -33.25 29.27
C VAL E 162 -8.63 -34.19 28.97
N ASN E 163 -9.32 -34.62 30.01
CA ASN E 163 -10.41 -35.55 29.84
C ASN E 163 -11.38 -35.41 31.01
N PHE E 164 -12.67 -35.51 30.71
CA PHE E 164 -13.72 -35.51 31.74
C PHE E 164 -15.04 -35.87 31.08
N LYS E 165 -16.02 -36.19 31.92
CA LYS E 165 -17.33 -36.61 31.47
C LYS E 165 -18.41 -35.74 32.11
N ILE E 166 -19.20 -35.02 31.26
CA ILE E 166 -20.22 -34.10 31.77
C ILE E 166 -21.54 -34.86 31.91
N ARG E 167 -22.22 -34.63 33.03
CA ARG E 167 -23.53 -35.25 33.29
C ARG E 167 -24.59 -34.19 33.01
N HIS E 168 -25.33 -34.34 31.91
CA HIS E 168 -26.41 -33.42 31.56
C HIS E 168 -27.74 -34.03 31.98
N ASN E 169 -28.43 -33.38 32.94
CA ASN E 169 -29.74 -33.87 33.36
C ASN E 169 -30.79 -33.69 32.28
N ILE E 170 -31.57 -34.76 32.04
CA ILE E 170 -32.60 -34.81 31.01
C ILE E 170 -33.96 -34.61 31.66
N GLU E 171 -34.90 -34.04 30.91
CA GLU E 171 -36.17 -33.63 31.53
C GLU E 171 -37.01 -34.81 32.02
N ASP E 172 -36.77 -36.01 31.51
CA ASP E 172 -37.47 -37.21 31.99
C ASP E 172 -36.77 -37.86 33.19
N GLY E 173 -35.71 -37.23 33.72
CA GLY E 173 -34.96 -37.81 34.81
C GLY E 173 -33.74 -38.64 34.44
N SER E 174 -33.49 -38.89 33.16
CA SER E 174 -32.28 -39.62 32.80
C SER E 174 -31.10 -38.64 32.80
N VAL E 175 -29.91 -39.15 32.49
CA VAL E 175 -28.72 -38.33 32.38
C VAL E 175 -28.07 -38.62 31.04
N HIS E 176 -27.69 -37.56 30.32
CA HIS E 176 -26.97 -37.69 29.07
C HIS E 176 -25.50 -37.39 29.33
N LEU E 177 -24.66 -38.37 29.09
CA LEU E 177 -23.24 -38.25 29.34
C LEU E 177 -22.53 -37.68 28.12
N ALA E 178 -21.65 -36.68 28.33
CA ALA E 178 -20.90 -36.02 27.27
C ALA E 178 -19.41 -36.12 27.60
N ASP E 179 -18.71 -37.03 26.88
CA ASP E 179 -17.32 -37.35 27.15
C ASP E 179 -16.42 -36.37 26.41
N HIS E 180 -15.58 -35.65 27.16
CA HIS E 180 -14.76 -34.59 26.60
C HIS E 180 -13.32 -35.05 26.49
N TYR E 181 -12.76 -34.91 25.29
CA TYR E 181 -11.34 -35.19 25.02
C TYR E 181 -10.73 -33.91 24.48
N GLN E 182 -9.72 -33.40 25.18
CA GLN E 182 -9.27 -32.03 24.98
C GLN E 182 -7.75 -31.99 24.90
N GLN E 183 -7.23 -31.07 24.08
CA GLN E 183 -5.79 -30.78 23.98
C GLN E 183 -5.60 -29.27 24.02
N ASN E 184 -4.55 -28.83 24.72
CA ASN E 184 -4.16 -27.43 24.78
C ASN E 184 -2.69 -27.34 24.39
N THR E 185 -2.36 -26.37 23.53
CA THR E 185 -0.98 -26.22 23.00
C THR E 185 -0.65 -24.72 23.01
N PRO E 186 0.52 -24.34 23.50
CA PRO E 186 0.86 -22.91 23.55
C PRO E 186 0.88 -22.29 22.15
N ILE E 187 0.58 -21.01 22.09
CA ILE E 187 0.64 -20.28 20.83
C ILE E 187 2.05 -19.74 20.58
N GLY E 188 2.62 -19.04 21.56
CA GLY E 188 3.97 -18.57 21.49
C GLY E 188 4.98 -19.71 21.47
N ASP E 189 6.25 -19.31 21.57
CA ASP E 189 7.35 -20.26 21.62
C ASP E 189 8.03 -20.28 22.99
N GLY E 190 7.59 -19.45 23.94
CA GLY E 190 8.16 -19.44 25.26
C GLY E 190 8.03 -20.76 25.98
N PRO E 191 8.78 -20.94 27.07
CA PRO E 191 8.60 -22.13 27.90
C PRO E 191 7.31 -22.06 28.72
N VAL E 192 6.67 -23.21 28.89
CA VAL E 192 5.41 -23.31 29.61
C VAL E 192 5.56 -24.34 30.73
N LEU E 193 4.64 -24.28 31.68
CA LEU E 193 4.62 -25.27 32.75
C LEU E 193 3.92 -26.53 32.26
N LEU E 194 4.59 -27.66 32.41
CA LEU E 194 4.00 -28.93 32.01
C LEU E 194 3.73 -29.71 33.29
N PRO E 195 2.47 -29.96 33.63
CA PRO E 195 2.13 -30.33 35.00
C PRO E 195 2.19 -31.83 35.26
N ASP E 196 2.30 -32.14 36.55
CA ASP E 196 1.98 -33.46 37.06
C ASP E 196 0.46 -33.71 36.93
N ASN E 197 0.07 -34.99 36.88
CA ASN E 197 -1.34 -35.38 36.83
C ASN E 197 -2.10 -34.70 37.97
N HIS E 198 -3.20 -34.01 37.63
CA HIS E 198 -4.02 -33.29 38.60
C HIS E 198 -5.42 -33.02 38.00
N TYR E 199 -6.27 -32.33 38.76
CA TYR E 199 -7.58 -31.99 38.21
C TYR E 199 -8.07 -30.64 38.72
N LEU E 200 -9.05 -30.12 38.02
CA LEU E 200 -9.77 -28.92 38.45
C LEU E 200 -11.15 -29.33 38.94
N SER E 201 -11.51 -28.92 40.16
CA SER E 201 -12.86 -29.11 40.69
C SER E 201 -13.69 -27.96 40.15
N THR E 202 -14.66 -28.28 39.29
CA THR E 202 -15.39 -27.27 38.57
C THR E 202 -16.85 -27.33 39.01
N GLN E 203 -17.41 -26.16 39.33
CA GLN E 203 -18.84 -26.04 39.63
C GLN E 203 -19.39 -24.90 38.78
N SER E 204 -20.64 -25.04 38.35
CA SER E 204 -21.20 -24.15 37.36
C SER E 204 -22.69 -23.97 37.69
N ALA E 205 -23.19 -22.75 37.54
CA ALA E 205 -24.63 -22.48 37.70
C ALA E 205 -25.11 -21.62 36.54
N LEU E 206 -26.22 -22.05 35.93
CA LEU E 206 -26.83 -21.33 34.81
C LEU E 206 -28.04 -20.56 35.31
N SER E 207 -28.15 -19.31 34.90
CA SER E 207 -29.34 -18.50 35.24
C SER E 207 -29.73 -17.66 34.01
N LYS E 208 -30.64 -16.72 34.24
CA LYS E 208 -31.22 -15.90 33.20
C LYS E 208 -31.36 -14.48 33.73
N ASP E 209 -31.14 -13.52 32.83
CA ASP E 209 -31.57 -12.17 33.08
C ASP E 209 -33.04 -12.05 32.67
N PRO E 210 -33.97 -11.79 33.60
CA PRO E 210 -35.37 -11.67 33.18
C PRO E 210 -35.64 -10.44 32.31
N ASN E 211 -34.76 -9.43 32.35
CA ASN E 211 -34.86 -8.27 31.47
C ASN E 211 -34.37 -8.53 30.05
N GLU E 212 -33.81 -9.70 29.78
CA GLU E 212 -33.20 -9.99 28.50
C GLU E 212 -34.16 -10.78 27.64
N LYS E 213 -34.61 -10.17 26.54
CA LYS E 213 -35.56 -10.82 25.65
C LYS E 213 -34.89 -11.75 24.64
N ARG E 214 -33.59 -11.60 24.41
CA ARG E 214 -32.90 -12.49 23.49
C ARG E 214 -32.62 -13.83 24.17
N ASP E 215 -32.51 -14.87 23.36
CA ASP E 215 -32.07 -16.18 23.83
C ASP E 215 -30.67 -16.03 24.40
N HIS E 216 -30.50 -16.37 25.68
CA HIS E 216 -29.23 -16.08 26.36
C HIS E 216 -28.99 -17.07 27.49
N MET E 217 -27.78 -16.98 28.05
CA MET E 217 -27.33 -17.77 29.19
C MET E 217 -26.43 -16.88 30.05
N VAL E 218 -26.71 -16.85 31.37
CA VAL E 218 -25.81 -16.32 32.38
C VAL E 218 -25.11 -17.53 33.02
N LEU E 219 -23.79 -17.46 33.10
CA LEU E 219 -22.97 -18.58 33.54
C LEU E 219 -22.06 -18.13 34.66
N LEU E 220 -22.13 -18.80 35.80
CA LEU E 220 -21.17 -18.61 36.87
C LEU E 220 -20.41 -19.92 37.06
N GLU E 221 -19.09 -19.83 37.15
CA GLU E 221 -18.25 -20.98 37.41
C GLU E 221 -17.31 -20.69 38.58
N PHE E 222 -17.07 -21.73 39.38
CA PHE E 222 -16.02 -21.75 40.41
C PHE E 222 -15.10 -22.92 40.10
N VAL E 223 -13.82 -22.64 39.92
CA VAL E 223 -12.82 -23.60 39.48
C VAL E 223 -11.62 -23.55 40.40
N THR E 224 -11.26 -24.70 40.99
CA THR E 224 -10.11 -24.77 41.91
C THR E 224 -9.33 -26.01 41.58
N ALA E 225 -8.01 -25.85 41.41
CA ALA E 225 -7.14 -26.98 41.16
C ALA E 225 -6.95 -27.77 42.46
N ALA E 226 -6.75 -29.08 42.30
CA ALA E 226 -6.60 -30.01 43.41
C ALA E 226 -5.85 -31.23 42.90
N GLY E 227 -5.60 -32.18 43.82
CA GLY E 227 -5.09 -33.49 43.47
C GLY E 227 -3.61 -33.69 43.71
N ILE E 228 -2.92 -32.69 44.27
CA ILE E 228 -1.51 -32.75 44.59
C ILE E 228 -1.35 -32.29 46.03
N THR E 229 -0.53 -33.00 46.80
CA THR E 229 -0.40 -32.78 48.23
C THR E 229 0.84 -31.92 48.55
N HIS E 230 0.92 -31.50 49.81
CA HIS E 230 2.04 -30.67 50.27
C HIS E 230 3.34 -31.46 50.32
N LYS F 4 14.57 -13.42 18.44
CA LYS F 4 13.96 -14.62 17.86
C LYS F 4 14.40 -14.81 16.42
N GLY F 5 14.26 -13.76 15.62
CA GLY F 5 14.75 -13.79 14.25
C GLY F 5 16.25 -14.02 14.19
N GLU F 6 16.99 -13.43 15.13
CA GLU F 6 18.44 -13.64 15.18
C GLU F 6 18.78 -15.11 15.25
N GLU F 7 18.18 -15.83 16.22
CA GLU F 7 18.58 -17.21 16.47
C GLU F 7 18.50 -18.07 15.22
N LEU F 8 17.59 -17.74 14.30
CA LEU F 8 17.52 -18.47 13.04
C LEU F 8 18.79 -18.32 12.20
N PHE F 9 19.75 -17.47 12.61
CA PHE F 9 20.98 -17.25 11.87
C PHE F 9 22.20 -17.47 12.76
N THR F 10 22.05 -18.27 13.82
CA THR F 10 23.13 -18.46 14.79
C THR F 10 24.35 -19.13 14.17
N GLY F 11 24.18 -19.88 13.08
CA GLY F 11 25.31 -20.52 12.45
C GLY F 11 25.20 -20.61 10.94
N VAL F 12 25.96 -21.54 10.34
CA VAL F 12 25.95 -21.70 8.90
C VAL F 12 24.56 -22.14 8.46
N VAL F 13 23.97 -21.39 7.54
CA VAL F 13 22.60 -21.61 7.10
C VAL F 13 22.65 -21.88 5.60
N PRO F 14 22.14 -23.00 5.12
CA PRO F 14 22.09 -23.21 3.67
C PRO F 14 21.26 -22.11 3.02
N ILE F 15 21.45 -21.97 1.70
CA ILE F 15 20.81 -20.92 0.92
C ILE F 15 20.49 -21.49 -0.45
N LEU F 16 19.36 -21.08 -1.01
CA LEU F 16 18.93 -21.45 -2.34
C LEU F 16 18.44 -20.19 -3.03
N VAL F 17 18.72 -20.07 -4.33
CA VAL F 17 18.34 -18.88 -5.10
C VAL F 17 17.85 -19.32 -6.46
N GLU F 18 16.70 -18.79 -6.89
CA GLU F 18 16.15 -19.02 -8.22
C GLU F 18 15.78 -17.67 -8.82
N LEU F 19 15.99 -17.50 -10.11
CA LEU F 19 15.73 -16.22 -10.75
C LEU F 19 15.22 -16.45 -12.15
N ASP F 20 14.08 -15.85 -12.48
CA ASP F 20 13.63 -15.75 -13.86
C ASP F 20 13.81 -14.32 -14.33
N GLY F 21 14.30 -14.17 -15.55
CA GLY F 21 14.72 -12.87 -16.02
C GLY F 21 14.50 -12.70 -17.50
N ASP F 22 14.21 -11.46 -17.89
CA ASP F 22 13.97 -11.05 -19.27
C ASP F 22 14.60 -9.67 -19.44
N VAL F 23 15.57 -9.56 -20.35
CA VAL F 23 16.23 -8.28 -20.63
C VAL F 23 16.17 -8.02 -22.13
N ASN F 24 15.41 -7.00 -22.53
CA ASN F 24 15.29 -6.64 -23.94
C ASN F 24 14.76 -7.80 -24.79
N GLY F 25 13.93 -8.67 -24.18
CA GLY F 25 13.36 -9.81 -24.85
C GLY F 25 14.11 -11.11 -24.62
N HIS F 26 15.41 -11.03 -24.43
CA HIS F 26 16.24 -12.21 -24.16
C HIS F 26 15.92 -12.74 -22.77
N LYS F 27 15.33 -13.93 -22.69
CA LYS F 27 14.95 -14.55 -21.43
C LYS F 27 16.02 -15.53 -20.94
N PHE F 28 16.05 -15.74 -19.63
CA PHE F 28 17.03 -16.64 -19.02
C PHE F 28 16.58 -17.02 -17.62
N SER F 29 17.22 -18.05 -17.05
CA SER F 29 16.95 -18.48 -15.68
C SER F 29 18.25 -18.93 -15.01
N VAL F 30 18.34 -18.70 -13.70
CA VAL F 30 19.56 -18.99 -12.96
C VAL F 30 19.19 -19.61 -11.62
N SER F 31 19.98 -20.59 -11.18
CA SER F 31 19.79 -21.26 -9.91
C SER F 31 21.10 -21.17 -9.15
N GLY F 32 21.01 -21.06 -7.82
CA GLY F 32 22.19 -20.91 -7.01
C GLY F 32 22.05 -21.66 -5.69
N GLU F 33 23.20 -21.99 -5.13
CA GLU F 33 23.31 -22.79 -3.91
C GLU F 33 24.42 -22.19 -3.05
N GLY F 34 24.23 -22.19 -1.74
CA GLY F 34 25.30 -21.71 -0.90
C GLY F 34 24.93 -21.76 0.56
N GLU F 35 25.75 -21.07 1.34
CA GLU F 35 25.53 -20.97 2.77
C GLU F 35 25.94 -19.58 3.23
N GLY F 36 25.31 -19.14 4.32
CA GLY F 36 25.62 -17.86 4.92
C GLY F 36 25.97 -18.03 6.38
N ASP F 37 26.68 -17.05 6.93
CA ASP F 37 27.21 -17.11 8.28
C ASP F 37 27.17 -15.68 8.83
N ALA F 38 25.97 -15.27 9.28
CA ALA F 38 25.77 -13.89 9.69
C ALA F 38 26.60 -13.53 10.91
N THR F 39 27.07 -14.53 11.64
CA THR F 39 27.98 -14.26 12.75
C THR F 39 29.22 -13.54 12.26
N TYR F 40 29.69 -13.87 11.05
CA TYR F 40 30.85 -13.23 10.43
C TYR F 40 30.46 -12.35 9.24
N GLY F 41 29.18 -12.31 8.88
CA GLY F 41 28.75 -11.52 7.74
C GLY F 41 29.16 -12.11 6.43
N LYS F 42 29.21 -13.43 6.34
CA LYS F 42 29.93 -14.13 5.29
C LYS F 42 28.92 -14.87 4.45
N LEU F 43 29.01 -14.67 3.13
CA LEU F 43 28.08 -15.27 2.19
C LEU F 43 28.87 -15.95 1.08
N THR F 44 28.51 -17.19 0.77
CA THR F 44 29.19 -17.96 -0.27
C THR F 44 28.14 -18.61 -1.14
N LEU F 45 28.16 -18.27 -2.42
CA LEU F 45 27.14 -18.72 -3.35
C LEU F 45 27.77 -19.05 -4.69
N LYS F 46 27.21 -20.05 -5.35
CA LYS F 46 27.52 -20.42 -6.72
C LYS F 46 26.24 -20.46 -7.52
N PHE F 47 26.26 -19.84 -8.70
CA PHE F 47 25.10 -19.68 -9.56
C PHE F 47 25.37 -20.35 -10.89
N ILE F 48 24.35 -20.98 -11.46
CA ILE F 48 24.43 -21.59 -12.78
C ILE F 48 23.31 -21.03 -13.64
N CYS F 49 23.63 -20.66 -14.87
CA CYS F 49 22.60 -20.30 -15.83
C CYS F 49 22.04 -21.58 -16.43
N THR F 50 20.84 -21.97 -16.02
CA THR F 50 20.21 -23.19 -16.47
C THR F 50 19.54 -23.06 -17.84
N THR F 51 19.90 -22.06 -18.67
CA THR F 51 19.27 -21.89 -19.97
C THR F 51 20.27 -21.60 -21.08
N GLY F 52 21.57 -21.73 -20.82
CA GLY F 52 22.58 -21.46 -21.81
C GLY F 52 23.49 -20.31 -21.44
N LYS F 53 23.68 -19.38 -22.38
CA LYS F 53 24.55 -18.22 -22.19
C LYS F 53 23.75 -17.08 -21.55
N LEU F 54 24.22 -16.60 -20.41
CA LEU F 54 23.65 -15.42 -19.79
C LEU F 54 23.78 -14.22 -20.73
N PRO F 55 22.68 -13.61 -21.15
CA PRO F 55 22.77 -12.46 -22.07
C PRO F 55 23.18 -11.15 -21.41
N VAL F 56 23.50 -11.14 -20.12
CA VAL F 56 24.02 -9.96 -19.46
C VAL F 56 25.26 -10.35 -18.66
N PRO F 57 26.11 -9.39 -18.34
CA PRO F 57 27.30 -9.71 -17.53
C PRO F 57 26.89 -10.19 -16.15
N TRP F 58 27.60 -11.21 -15.68
CA TRP F 58 27.40 -11.68 -14.31
C TRP F 58 27.52 -10.56 -13.29
N PRO F 59 28.43 -9.59 -13.44
CA PRO F 59 28.49 -8.55 -12.40
C PRO F 59 27.19 -7.74 -12.26
N THR F 60 26.40 -7.57 -13.33
CA THR F 60 25.18 -6.76 -13.25
C THR F 60 24.07 -7.43 -12.41
N LEU F 61 24.24 -8.70 -12.01
CA LEU F 61 23.26 -9.43 -11.23
C LEU F 61 23.72 -9.75 -9.80
N VAL F 62 24.92 -9.34 -9.40
CA VAL F 62 25.39 -9.61 -8.04
C VAL F 62 24.40 -9.08 -7.00
N THR F 63 23.99 -7.82 -7.13
CA THR F 63 23.12 -7.25 -6.09
C THR F 63 21.79 -8.01 -6.00
N THR F 64 21.31 -8.53 -7.13
CA THR F 64 20.02 -9.20 -7.16
C THR F 64 20.09 -10.58 -6.52
N PHE F 65 21.12 -11.36 -6.87
CA PHE F 65 21.42 -12.64 -6.21
C PHE F 65 21.66 -12.50 -4.73
N VAL F 67 19.75 -11.47 -0.15
CA VAL F 67 19.86 -12.10 1.16
C VAL F 67 20.68 -11.27 2.15
N GLN F 68 20.31 -10.00 2.30
CA GLN F 68 21.02 -9.13 3.24
C GLN F 68 20.71 -9.45 4.69
N CYS F 69 19.91 -10.48 4.96
CA CYS F 69 19.76 -10.98 6.32
C CYS F 69 21.04 -11.61 6.85
N PHE F 70 22.04 -11.85 5.99
CA PHE F 70 23.30 -12.42 6.44
C PHE F 70 24.31 -11.35 6.85
N ALA F 71 23.94 -10.08 6.83
CA ALA F 71 24.83 -9.04 7.33
C ALA F 71 25.12 -9.27 8.81
N ARG F 72 26.38 -9.05 9.18
CA ARG F 72 26.77 -9.03 10.57
C ARG F 72 26.40 -7.66 11.14
N TYR F 73 25.39 -7.64 12.00
CA TYR F 73 25.09 -6.44 12.78
C TYR F 73 25.83 -6.56 14.10
N PRO F 74 26.72 -5.64 14.45
CA PRO F 74 27.39 -5.71 15.75
C PRO F 74 26.43 -5.44 16.89
N ASP F 75 26.89 -5.78 18.11
CA ASP F 75 26.01 -5.79 19.28
C ASP F 75 25.22 -4.50 19.40
N HIS F 76 25.92 -3.36 19.39
CA HIS F 76 25.29 -2.07 19.62
C HIS F 76 24.29 -1.69 18.52
N MET F 77 24.06 -2.58 17.55
CA MET F 77 23.21 -2.27 16.41
C MET F 77 22.14 -3.31 16.10
N LYS F 78 22.02 -4.36 16.91
CA LYS F 78 21.12 -5.45 16.55
C LYS F 78 19.65 -5.02 16.56
N GLN F 79 19.30 -3.99 17.33
CA GLN F 79 17.95 -3.44 17.25
C GLN F 79 17.73 -2.65 15.97
N HIS F 80 18.64 -2.64 15.01
CA HIS F 80 18.43 -1.98 13.72
C HIS F 80 18.46 -2.97 12.57
N ASP F 81 18.32 -4.25 12.88
CA ASP F 81 18.39 -5.32 11.90
C ASP F 81 16.99 -5.72 11.47
N PHE F 82 16.49 -5.05 10.41
CA PHE F 82 15.16 -5.37 9.92
C PHE F 82 15.14 -6.75 9.26
N PHE F 83 16.20 -7.09 8.53
CA PHE F 83 16.17 -8.28 7.70
C PHE F 83 15.93 -9.53 8.53
N LYS F 84 16.62 -9.66 9.66
CA LYS F 84 16.44 -10.84 10.49
C LYS F 84 15.13 -10.78 11.26
N SER F 85 14.79 -9.61 11.80
CA SER F 85 13.56 -9.46 12.58
C SER F 85 12.31 -9.89 11.81
N ALA F 86 12.35 -9.92 10.48
CA ALA F 86 11.24 -10.40 9.68
C ALA F 86 11.31 -11.88 9.36
N MET F 87 12.19 -12.57 9.96
CA MET F 87 12.37 -13.99 9.71
C MET F 87 11.70 -14.78 10.84
N PRO F 88 11.18 -16.00 10.56
CA PRO F 88 11.26 -16.72 9.30
C PRO F 88 10.15 -16.40 8.32
N GLU F 89 9.26 -15.49 8.71
CA GLU F 89 8.18 -15.09 7.82
C GLU F 89 8.73 -14.60 6.48
N GLY F 90 9.66 -13.66 6.52
CA GLY F 90 10.36 -13.23 5.32
C GLY F 90 9.98 -11.82 4.91
N TYR F 91 10.54 -11.40 3.78
CA TYR F 91 10.29 -10.06 3.28
C TYR F 91 10.31 -10.05 1.76
N VAL F 92 9.69 -9.03 1.19
CA VAL F 92 9.65 -8.87 -0.26
C VAL F 92 10.67 -7.78 -0.61
N GLN F 93 11.49 -8.03 -1.63
CA GLN F 93 12.55 -7.08 -2.02
C GLN F 93 12.25 -6.65 -3.43
N GLU F 94 12.06 -5.34 -3.61
CA GLU F 94 11.82 -4.75 -4.91
C GLU F 94 12.89 -3.72 -5.21
N ARG F 95 13.34 -3.69 -6.46
CA ARG F 95 14.36 -2.73 -6.85
C ARG F 95 14.06 -2.16 -8.22
N THR F 96 14.52 -0.93 -8.40
CA THR F 96 14.84 -0.40 -9.72
C THR F 96 16.34 -0.10 -9.76
N ILE F 97 17.01 -0.58 -10.81
CA ILE F 97 18.45 -0.44 -10.97
C ILE F 97 18.70 0.32 -12.27
N PHE F 98 19.12 1.58 -12.15
CA PHE F 98 19.38 2.37 -13.34
C PHE F 98 20.86 2.27 -13.73
N PHE F 99 21.14 1.70 -14.90
CA PHE F 99 22.50 1.76 -15.48
C PHE F 99 22.62 3.07 -16.24
N LYS F 100 23.48 3.97 -15.75
CA LYS F 100 23.52 5.34 -16.24
C LYS F 100 23.52 5.41 -17.74
N ASP F 101 22.50 6.10 -18.27
CA ASP F 101 22.33 6.41 -19.68
C ASP F 101 22.10 5.16 -20.49
N ASP F 102 21.84 4.02 -19.85
CA ASP F 102 21.51 2.76 -20.51
C ASP F 102 20.16 2.31 -19.95
N GLY F 103 19.86 1.01 -20.01
CA GLY F 103 18.59 0.50 -19.54
C GLY F 103 18.50 0.32 -18.03
N ASN F 104 17.36 -0.22 -17.58
CA ASN F 104 17.17 -0.49 -16.16
C ASN F 104 16.67 -1.90 -15.92
N TYR F 105 16.99 -2.41 -14.75
CA TYR F 105 16.41 -3.62 -14.21
C TYR F 105 15.34 -3.28 -13.19
N LYS F 106 14.21 -3.99 -13.24
CA LYS F 106 13.23 -3.99 -12.15
C LYS F 106 13.13 -5.41 -11.60
N THR F 107 13.28 -5.55 -10.29
CA THR F 107 13.22 -6.87 -9.69
C THR F 107 12.20 -6.93 -8.56
N ARG F 108 11.63 -8.13 -8.38
CA ARG F 108 10.84 -8.49 -7.22
C ARG F 108 11.34 -9.83 -6.68
N ALA F 109 11.54 -9.90 -5.38
CA ALA F 109 12.12 -11.10 -4.80
C ALA F 109 11.51 -11.37 -3.43
N GLU F 110 11.33 -12.64 -3.13
CA GLU F 110 10.85 -13.06 -1.83
C GLU F 110 12.00 -13.80 -1.14
N VAL F 111 12.39 -13.29 0.01
CA VAL F 111 13.43 -13.90 0.84
C VAL F 111 12.73 -14.44 2.08
N LYS F 112 12.62 -15.77 2.15
CA LYS F 112 11.90 -16.41 3.25
C LYS F 112 12.55 -17.75 3.54
N PHE F 113 12.45 -18.16 4.81
CA PHE F 113 12.91 -19.47 5.24
C PHE F 113 11.93 -20.55 4.79
N GLU F 114 12.48 -21.68 4.36
CA GLU F 114 11.73 -22.88 4.02
C GLU F 114 12.26 -24.01 4.92
N GLY F 115 11.75 -24.07 6.14
CA GLY F 115 12.28 -24.97 7.13
C GLY F 115 13.58 -24.46 7.71
N ASP F 116 14.69 -25.06 7.28
CA ASP F 116 16.02 -24.67 7.73
C ASP F 116 16.85 -24.04 6.61
N THR F 117 16.27 -23.84 5.43
CA THR F 117 16.96 -23.27 4.29
C THR F 117 16.44 -21.86 4.00
N LEU F 118 17.36 -20.92 3.78
CA LEU F 118 17.00 -19.56 3.38
C LEU F 118 16.92 -19.49 1.86
N VAL F 119 15.76 -19.07 1.34
CA VAL F 119 15.51 -19.07 -0.09
C VAL F 119 15.29 -17.65 -0.58
N ASN F 120 15.60 -17.42 -1.86
CA ASN F 120 15.50 -16.10 -2.49
C ASN F 120 15.01 -16.35 -3.91
N ARG F 121 13.71 -16.17 -4.12
CA ARG F 121 13.10 -16.35 -5.43
C ARG F 121 12.85 -14.98 -6.05
N ILE F 122 13.22 -14.85 -7.32
CA ILE F 122 13.43 -13.55 -7.95
C ILE F 122 12.80 -13.54 -9.32
N GLU F 123 12.13 -12.45 -9.67
CA GLU F 123 11.78 -12.13 -11.04
C GLU F 123 12.50 -10.83 -11.43
N LEU F 124 13.01 -10.79 -12.65
CA LEU F 124 13.73 -9.62 -13.15
C LEU F 124 13.26 -9.30 -14.55
N LYS F 125 13.14 -8.00 -14.84
CA LYS F 125 12.83 -7.51 -16.17
C LYS F 125 13.66 -6.27 -16.48
N GLY F 126 14.24 -6.25 -17.66
CA GLY F 126 15.07 -5.13 -18.07
C GLY F 126 14.68 -4.64 -19.44
N ILE F 127 14.70 -3.32 -19.61
CA ILE F 127 14.23 -2.70 -20.84
C ILE F 127 15.15 -1.57 -21.23
N ASP F 128 15.09 -1.25 -22.53
CA ASP F 128 15.69 -0.07 -23.13
C ASP F 128 17.21 -0.08 -23.03
N PHE F 129 17.81 -1.27 -22.96
CA PHE F 129 19.27 -1.38 -23.02
C PHE F 129 19.78 -1.20 -24.44
N LYS F 130 20.95 -0.57 -24.57
CA LYS F 130 21.55 -0.35 -25.88
C LYS F 130 22.21 -1.63 -26.37
N GLU F 131 22.01 -1.93 -27.66
CA GLU F 131 22.47 -3.20 -28.22
C GLU F 131 23.99 -3.31 -28.13
N ASP F 132 24.68 -2.20 -28.36
CA ASP F 132 26.13 -2.13 -28.31
C ASP F 132 26.64 -1.44 -27.04
N GLY F 133 25.83 -1.38 -25.99
CA GLY F 133 26.22 -0.77 -24.74
C GLY F 133 26.96 -1.74 -23.83
N ASN F 134 27.39 -1.23 -22.67
CA ASN F 134 28.30 -2.00 -21.82
C ASN F 134 27.65 -3.27 -21.29
N ILE F 135 26.32 -3.34 -21.25
CA ILE F 135 25.63 -4.45 -20.60
C ILE F 135 25.38 -5.55 -21.64
N LEU F 136 24.64 -5.20 -22.69
CA LEU F 136 24.37 -6.16 -23.75
C LEU F 136 25.63 -6.46 -24.58
N GLY F 137 26.53 -5.48 -24.71
CA GLY F 137 27.80 -5.68 -25.38
C GLY F 137 28.82 -6.47 -24.57
N HIS F 138 28.56 -6.73 -23.29
CA HIS F 138 29.46 -7.51 -22.44
C HIS F 138 30.84 -6.87 -22.33
N LYS F 139 30.88 -5.66 -21.78
CA LYS F 139 32.11 -4.92 -21.63
C LYS F 139 32.50 -4.72 -20.18
N LEU F 140 31.79 -5.35 -19.25
CA LEU F 140 32.12 -5.21 -17.84
C LEU F 140 33.23 -6.20 -17.49
N GLU F 141 34.15 -5.76 -16.64
CA GLU F 141 35.15 -6.68 -16.12
C GLU F 141 34.50 -7.62 -15.14
N TYR F 142 35.02 -8.84 -15.08
CA TYR F 142 34.54 -9.83 -14.12
C TYR F 142 35.16 -9.56 -12.76
N ASN F 143 34.60 -8.57 -12.07
CA ASN F 143 35.08 -8.22 -10.73
C ASN F 143 34.04 -7.32 -10.06
N TYR F 144 34.36 -6.87 -8.85
CA TYR F 144 33.43 -6.09 -8.07
C TYR F 144 34.19 -5.25 -7.05
N ASN F 145 33.62 -4.09 -6.73
CA ASN F 145 34.20 -3.15 -5.77
C ASN F 145 33.37 -3.10 -4.48
N SER F 146 33.88 -2.37 -3.54
CA SER F 146 33.25 -2.24 -2.24
C SER F 146 32.25 -1.08 -2.27
N HIS F 147 31.11 -1.28 -1.58
CA HIS F 147 30.09 -0.25 -1.56
C HIS F 147 29.42 -0.19 -0.21
N ASN F 148 28.84 0.96 0.07
CA ASN F 148 27.99 1.17 1.25
C ASN F 148 26.53 1.17 0.81
N VAL F 149 25.73 0.35 1.49
CA VAL F 149 24.30 0.19 1.21
C VAL F 149 23.55 0.98 2.27
N TYR F 150 22.87 2.06 1.87
CA TYR F 150 22.33 2.98 2.85
C TYR F 150 20.89 2.60 3.12
N ILE F 151 20.51 2.56 4.40
CA ILE F 151 19.23 2.04 4.84
C ILE F 151 18.55 3.05 5.76
N MET F 152 17.26 3.25 5.51
CA MET F 152 16.39 3.95 6.45
C MET F 152 15.00 3.31 6.48
N ALA F 153 14.27 3.67 7.53
CA ALA F 153 12.94 3.11 7.76
C ALA F 153 11.89 3.74 6.85
N ASP F 154 10.91 2.91 6.45
CA ASP F 154 9.74 3.33 5.70
C ASP F 154 8.54 2.94 6.58
N LYS F 155 8.22 3.79 7.58
CA LYS F 155 7.20 3.44 8.57
C LYS F 155 5.82 3.22 7.94
N GLN F 156 5.45 4.05 6.96
CA GLN F 156 4.15 3.88 6.29
C GLN F 156 4.00 2.45 5.78
N LYS F 157 5.08 1.85 5.28
CA LYS F 157 5.02 0.48 4.76
C LYS F 157 5.50 -0.55 5.78
N ASN F 158 5.81 -0.13 6.99
CA ASN F 158 6.31 -1.00 8.06
C ASN F 158 7.59 -1.73 7.64
N GLY F 159 8.36 -1.13 6.73
CA GLY F 159 9.60 -1.71 6.27
C GLY F 159 10.77 -0.74 6.19
N ILE F 160 11.65 -0.94 5.19
CA ILE F 160 12.83 -0.12 5.02
C ILE F 160 12.93 0.28 3.55
N LYS F 161 13.59 1.40 3.30
CA LYS F 161 13.97 1.75 1.95
C LYS F 161 15.51 1.85 1.93
N VAL F 162 16.08 1.55 0.77
CA VAL F 162 17.52 1.38 0.59
C VAL F 162 17.95 2.10 -0.69
N ASN F 163 19.19 2.61 -0.67
CA ASN F 163 19.76 3.30 -1.83
C ASN F 163 21.28 3.09 -1.81
N PHE F 164 21.84 2.92 -2.98
CA PHE F 164 23.30 2.80 -3.11
C PHE F 164 23.63 2.81 -4.58
N LYS F 165 24.91 3.02 -4.89
CA LYS F 165 25.34 3.20 -6.26
C LYS F 165 26.54 2.30 -6.49
N ILE F 166 26.43 1.36 -7.44
CA ILE F 166 27.46 0.36 -7.73
C ILE F 166 28.37 0.92 -8.83
N ARG F 167 29.70 0.82 -8.63
CA ARG F 167 30.70 1.15 -9.65
C ARG F 167 31.14 -0.13 -10.36
N HIS F 168 30.74 -0.29 -11.62
CA HIS F 168 31.09 -1.43 -12.47
C HIS F 168 32.30 -1.03 -13.31
N ASN F 169 33.42 -1.70 -13.14
CA ASN F 169 34.59 -1.41 -13.97
C ASN F 169 34.42 -1.95 -15.38
N ILE F 170 34.72 -1.11 -16.37
CA ILE F 170 34.54 -1.43 -17.77
C ILE F 170 35.90 -1.72 -18.39
N GLU F 171 35.89 -2.53 -19.45
CA GLU F 171 37.15 -3.07 -20.02
C GLU F 171 38.06 -1.99 -20.60
N ASP F 172 37.56 -0.78 -20.87
CA ASP F 172 38.36 0.28 -21.43
C ASP F 172 38.89 1.23 -20.37
N GLY F 173 38.70 0.92 -19.08
CA GLY F 173 39.14 1.78 -18.01
C GLY F 173 38.06 2.69 -17.45
N SER F 174 36.93 2.82 -18.13
CA SER F 174 35.83 3.62 -17.63
C SER F 174 35.07 2.86 -16.54
N VAL F 175 34.12 3.57 -15.91
CA VAL F 175 33.29 3.03 -14.84
C VAL F 175 31.82 3.34 -15.18
N HIS F 176 30.97 2.35 -15.04
CA HIS F 176 29.54 2.48 -15.34
C HIS F 176 28.78 2.41 -14.01
N LEU F 177 28.07 3.48 -13.67
CA LEU F 177 27.34 3.55 -12.39
C LEU F 177 25.94 2.94 -12.53
N ALA F 178 25.56 2.16 -11.52
CA ALA F 178 24.25 1.50 -11.47
C ALA F 178 23.58 1.95 -10.16
N ASP F 179 22.65 2.88 -10.28
CA ASP F 179 21.94 3.47 -9.15
C ASP F 179 20.80 2.56 -8.71
N HIS F 180 20.82 2.14 -7.44
CA HIS F 180 19.90 1.15 -6.91
C HIS F 180 18.89 1.82 -5.97
N TYR F 181 17.61 1.62 -6.23
CA TYR F 181 16.54 2.08 -5.34
C TYR F 181 15.77 0.86 -4.89
N GLN F 182 15.63 0.67 -3.59
CA GLN F 182 15.19 -0.61 -3.07
C GLN F 182 14.18 -0.43 -1.95
N GLN F 183 13.21 -1.35 -1.92
CA GLN F 183 12.18 -1.40 -0.87
C GLN F 183 12.11 -2.82 -0.32
N ASN F 184 12.08 -2.95 1.00
CA ASN F 184 11.85 -4.23 1.65
C ASN F 184 10.64 -4.10 2.56
N THR F 185 9.67 -5.00 2.40
CA THR F 185 8.45 -4.95 3.20
C THR F 185 8.16 -6.34 3.76
N PRO F 186 7.87 -6.46 5.05
CA PRO F 186 7.64 -7.81 5.62
C PRO F 186 6.53 -8.56 4.90
N ILE F 187 6.63 -9.89 4.95
CA ILE F 187 5.59 -10.76 4.40
C ILE F 187 4.50 -11.02 5.43
N GLY F 188 4.89 -11.39 6.65
CA GLY F 188 3.92 -11.53 7.71
C GLY F 188 3.61 -10.20 8.37
N ASP F 189 2.37 -10.07 8.83
CA ASP F 189 1.95 -8.86 9.54
C ASP F 189 2.45 -8.83 10.99
N GLY F 190 3.41 -9.73 11.34
CA GLY F 190 3.97 -9.76 12.64
C GLY F 190 4.94 -8.61 12.87
N PRO F 191 5.59 -8.61 14.04
CA PRO F 191 6.41 -7.46 14.42
C PRO F 191 7.82 -7.53 13.84
N VAL F 192 8.38 -6.35 13.60
CA VAL F 192 9.68 -6.21 12.97
C VAL F 192 10.41 -5.05 13.62
N LEU F 193 11.68 -4.89 13.23
CA LEU F 193 12.52 -3.78 13.70
C LEU F 193 12.62 -2.73 12.61
N LEU F 194 12.43 -1.46 12.98
CA LEU F 194 12.59 -0.35 12.05
C LEU F 194 13.82 0.43 12.49
N PRO F 195 14.85 0.56 11.65
CA PRO F 195 16.13 1.08 12.13
C PRO F 195 16.22 2.59 11.98
N ASP F 196 17.16 3.16 12.73
CA ASP F 196 17.65 4.48 12.42
C ASP F 196 18.51 4.40 11.16
N ASN F 197 18.81 5.55 10.56
CA ASN F 197 19.67 5.60 9.39
C ASN F 197 21.00 4.89 9.66
N HIS F 198 21.44 4.06 8.72
CA HIS F 198 22.76 3.41 8.83
C HIS F 198 23.10 2.80 7.47
N TYR F 199 24.11 1.94 7.41
CA TYR F 199 24.48 1.37 6.14
C TYR F 199 25.18 0.02 6.34
N LEU F 200 25.22 -0.76 5.27
CA LEU F 200 25.98 -2.00 5.25
C LEU F 200 27.23 -1.76 4.41
N SER F 201 28.38 -2.08 4.98
CA SER F 201 29.63 -2.12 4.25
C SER F 201 29.74 -3.47 3.56
N THR F 202 29.63 -3.50 2.25
CA THR F 202 29.64 -4.77 1.52
C THR F 202 30.86 -4.82 0.61
N GLN F 203 31.49 -5.98 0.58
CA GLN F 203 32.62 -6.28 -0.30
C GLN F 203 32.27 -7.59 -0.96
N SER F 204 32.50 -7.65 -2.25
CA SER F 204 32.19 -8.83 -3.02
C SER F 204 33.43 -9.23 -3.83
N ALA F 205 33.58 -10.53 -4.04
CA ALA F 205 34.63 -11.07 -4.89
C ALA F 205 34.02 -12.14 -5.77
N LEU F 206 34.25 -12.03 -7.07
CA LEU F 206 33.73 -12.96 -8.07
C LEU F 206 34.84 -13.92 -8.51
N SER F 207 34.48 -15.20 -8.63
CA SER F 207 35.45 -16.26 -8.90
C SER F 207 34.78 -17.28 -9.82
N LYS F 208 35.56 -18.29 -10.24
CA LYS F 208 35.06 -19.36 -11.07
C LYS F 208 35.47 -20.70 -10.48
N ASP F 209 34.68 -21.73 -10.80
CA ASP F 209 35.10 -23.11 -10.56
C ASP F 209 35.70 -23.64 -11.86
N PRO F 210 37.00 -23.94 -11.91
CA PRO F 210 37.58 -24.35 -13.20
C PRO F 210 37.08 -25.70 -13.69
N ASN F 211 36.67 -26.59 -12.77
CA ASN F 211 36.14 -27.89 -13.16
C ASN F 211 34.70 -27.80 -13.68
N GLU F 212 34.02 -26.68 -13.46
CA GLU F 212 32.66 -26.49 -13.96
C GLU F 212 32.70 -26.01 -15.40
N LYS F 213 31.83 -26.60 -16.22
CA LYS F 213 31.82 -26.36 -17.65
C LYS F 213 30.80 -25.30 -18.06
N ARG F 214 29.70 -25.17 -17.33
CA ARG F 214 28.65 -24.26 -17.74
C ARG F 214 28.93 -22.82 -17.29
N ASP F 215 28.21 -21.88 -17.89
CA ASP F 215 28.24 -20.49 -17.44
C ASP F 215 27.84 -20.44 -15.97
N HIS F 216 28.65 -19.76 -15.16
CA HIS F 216 28.42 -19.76 -13.72
C HIS F 216 29.16 -18.59 -13.07
N MET F 217 28.93 -18.42 -11.77
CA MET F 217 29.59 -17.37 -11.00
C MET F 217 29.73 -17.89 -9.59
N VAL F 218 30.92 -17.76 -9.03
CA VAL F 218 31.15 -17.98 -7.62
C VAL F 218 31.26 -16.62 -6.96
N LEU F 219 30.44 -16.40 -5.94
CA LEU F 219 30.31 -15.11 -5.27
C LEU F 219 30.62 -15.29 -3.79
N LEU F 220 31.53 -14.49 -3.29
CA LEU F 220 31.79 -14.38 -1.86
C LEU F 220 31.50 -12.93 -1.49
N GLU F 221 30.70 -12.74 -0.45
CA GLU F 221 30.37 -11.42 0.05
C GLU F 221 30.70 -11.37 1.53
N PHE F 222 31.09 -10.18 1.98
CA PHE F 222 31.32 -9.86 3.37
C PHE F 222 30.57 -8.56 3.65
N VAL F 223 29.63 -8.61 4.61
CA VAL F 223 28.71 -7.52 4.88
C VAL F 223 28.68 -7.28 6.38
N THR F 224 29.04 -6.06 6.80
CA THR F 224 28.93 -5.63 8.20
C THR F 224 28.19 -4.30 8.26
N ALA F 225 27.12 -4.24 9.05
CA ALA F 225 26.43 -3.00 9.28
C ALA F 225 27.30 -2.04 10.09
N ALA F 226 27.15 -0.76 9.82
CA ALA F 226 27.85 0.27 10.57
C ALA F 226 27.04 1.56 10.49
N GLY F 227 27.59 2.64 11.04
CA GLY F 227 26.99 3.96 10.92
C GLY F 227 26.38 4.51 12.19
N ILE F 228 26.56 3.83 13.33
CA ILE F 228 25.96 4.22 14.59
C ILE F 228 27.00 4.13 15.69
N THR F 229 26.90 5.03 16.66
CA THR F 229 27.87 5.16 17.76
C THR F 229 29.21 5.66 17.24
#